data_3G6A
#
_entry.id   3G6A
#
_cell.length_a   108.050
_cell.length_b   108.050
_cell.length_c   78.560
_cell.angle_alpha   90.00
_cell.angle_beta   90.00
_cell.angle_gamma   90.00
#
_symmetry.space_group_name_H-M   'P 42'
#
loop_
_entity.id
_entity.type
_entity.pdbx_description
1 polymer 'CNTO607 Fab Light chain'
2 polymer 'CNTO607 Fab Heavy chain'
3 water water
#
loop_
_entity_poly.entity_id
_entity_poly.type
_entity_poly.pdbx_seq_one_letter_code
_entity_poly.pdbx_strand_id
1 'polypeptide(L)'
;SYELTQPPSVSVAPGQTARISCSGDNIGGTFVSWYQQKPGQAPVLVIYDDNDRPSGIPERFSGSNSGNTATLTISGTQAE
DEADYYCGTWDMVTNNVFGGGTKLTVLGQPKAAPSVTLFPPSSEELQANKATLVCLISDFYPGAVTVAWKADSSPVKAGV
ETTTPSKQSNNKYAASSYLSLTPEQWKSHRSYSCQVTHEGSTVEKTVAPTECS
;
L,A
2 'polypeptide(L)'
;QVQLVESGGGLVQPGGSLRLSCAASGFTFNSYWINWVRQAPGKGLEWVSGIAYDSSNTLYADSVKGRFTISRDNSKNTLY
LQMNSLRAEDTAVYYCARGLGAFHWDMQPDYWGQGTLVTVSSASTKGPSVFPLAPSSKSTSGGTAALGCLVKDYFPEPVT
VSWNSGALTSGVHTFPAVLQSSGLYSLSSVVTVPSSSLGTQTYICNVNHKPSNTKVDKKVEPKSCDKTH
;
H,B
#
# COMPACT_ATOMS: atom_id res chain seq x y z
N SER A 1 -44.51 -1.88 17.84
CA SER A 1 -45.14 -1.87 16.49
C SER A 1 -44.53 -2.90 15.53
N TYR A 2 -43.52 -2.41 14.82
CA TYR A 2 -43.37 -2.88 13.47
C TYR A 2 -42.30 -3.89 13.17
N GLU A 3 -42.69 -5.17 13.26
CA GLU A 3 -41.97 -6.26 12.58
C GLU A 3 -42.60 -6.55 11.20
N LEU A 4 -41.77 -6.74 10.19
CA LEU A 4 -42.21 -7.28 8.91
C LEU A 4 -41.62 -8.68 8.80
N THR A 5 -42.43 -9.65 8.39
CA THR A 5 -41.96 -11.04 8.39
C THR A 5 -42.10 -11.64 7.02
N GLN A 6 -41.01 -12.20 6.53
CA GLN A 6 -40.96 -12.87 5.24
C GLN A 6 -40.54 -14.35 5.45
N PRO A 7 -40.95 -15.23 4.51
CA PRO A 7 -40.44 -16.61 4.59
C PRO A 7 -38.93 -16.60 4.24
N PRO A 8 -38.11 -17.34 4.99
CA PRO A 8 -36.67 -17.43 4.72
C PRO A 8 -36.30 -17.85 3.29
N SER A 9 -37.14 -18.65 2.66
CA SER A 9 -36.75 -19.27 1.42
C SER A 9 -37.98 -19.56 0.62
N VAL A 10 -37.82 -19.43 -0.71
CA VAL A 10 -38.86 -19.73 -1.69
C VAL A 10 -38.08 -20.33 -2.85
N SER A 11 -38.64 -21.38 -3.47
CA SER A 11 -38.08 -21.96 -4.68
C SER A 11 -39.05 -21.94 -5.87
N VAL A 12 -38.52 -21.69 -7.04
CA VAL A 12 -39.30 -21.84 -8.28
C VAL A 12 -38.52 -22.55 -9.37
N ALA A 13 -39.22 -23.32 -10.21
CA ALA A 13 -38.65 -23.74 -11.50
C ALA A 13 -38.54 -22.54 -12.42
N PRO A 14 -37.51 -22.51 -13.29
CA PRO A 14 -37.48 -21.50 -14.35
C PRO A 14 -38.83 -21.37 -15.08
N GLY A 15 -39.26 -20.13 -15.30
CA GLY A 15 -40.52 -19.89 -16.02
C GLY A 15 -41.76 -20.02 -15.17
N GLN A 16 -41.62 -20.56 -13.97
CA GLN A 16 -42.71 -20.58 -12.97
C GLN A 16 -42.80 -19.17 -12.35
N THR A 17 -43.91 -18.90 -11.68
CA THR A 17 -44.02 -17.60 -11.00
C THR A 17 -43.61 -17.77 -9.54
N ALA A 18 -42.75 -16.88 -9.10
CA ALA A 18 -42.38 -16.79 -7.68
C ALA A 18 -43.26 -15.79 -6.98
N ARG A 19 -43.63 -16.08 -5.74
CA ARG A 19 -44.34 -15.13 -4.91
C ARG A 19 -43.67 -15.07 -3.57
N ILE A 20 -43.32 -13.86 -3.15
CA ILE A 20 -42.66 -13.62 -1.87
C ILE A 20 -43.57 -12.69 -1.11
N SER A 21 -43.96 -13.13 0.07
CA SER A 21 -44.87 -12.36 0.85
C SER A 21 -44.16 -11.66 1.99
N CYS A 22 -44.79 -10.63 2.50
CA CYS A 22 -44.18 -9.84 3.53
C CYS A 22 -45.35 -9.44 4.40
N SER A 23 -45.28 -9.79 5.69
CA SER A 23 -46.45 -9.61 6.55
C SER A 23 -46.20 -8.68 7.66
N GLY A 24 -47.19 -7.81 7.89
CA GLY A 24 -47.16 -6.94 9.05
C GLY A 24 -48.57 -6.45 9.37
N ASP A 25 -48.73 -6.06 10.62
CA ASP A 25 -50.00 -5.55 11.13
C ASP A 25 -50.46 -4.29 10.36
N ASN A 26 -51.52 -4.45 9.56
CA ASN A 26 -52.01 -3.45 8.60
C ASN A 26 -50.86 -2.85 7.77
N ILE A 27 -50.17 -3.71 7.03
CA ILE A 27 -49.07 -3.29 6.16
C ILE A 27 -49.70 -2.65 4.96
N GLY A 28 -50.99 -2.96 4.79
CA GLY A 28 -51.76 -2.36 3.69
C GLY A 28 -51.88 -0.84 3.79
N GLY A 29 -51.67 -0.27 4.97
CA GLY A 29 -51.71 1.19 5.15
C GLY A 29 -50.36 1.90 5.17
N THR A 30 -49.30 1.16 4.79
CA THR A 30 -48.00 1.73 4.49
C THR A 30 -47.69 1.60 2.98
N PHE A 31 -46.60 2.23 2.56
CA PHE A 31 -46.11 2.18 1.18
C PHE A 31 -44.98 1.18 1.17
N VAL A 32 -45.20 0.05 0.53
CA VAL A 32 -44.17 -1.02 0.57
C VAL A 32 -43.15 -0.87 -0.57
N SER A 33 -41.86 -1.02 -0.27
CA SER A 33 -40.83 -1.14 -1.31
C SER A 33 -40.14 -2.48 -1.29
N TRP A 34 -39.60 -2.91 -2.42
CA TRP A 34 -38.91 -4.21 -2.49
C TRP A 34 -37.50 -4.07 -3.08
N TYR A 35 -36.54 -4.80 -2.51
CA TYR A 35 -35.12 -4.68 -2.87
C TYR A 35 -34.63 -6.11 -3.16
N GLN A 36 -33.82 -6.20 -4.19
CA GLN A 36 -33.16 -7.42 -4.54
C GLN A 36 -31.68 -7.25 -4.24
N GLN A 37 -31.10 -8.21 -3.54
CA GLN A 37 -29.68 -8.15 -3.24
C GLN A 37 -28.99 -9.48 -3.64
N LYS A 38 -28.04 -9.40 -4.55
CA LYS A 38 -27.17 -10.51 -4.91
C LYS A 38 -25.93 -10.51 -4.02
N PRO A 39 -25.32 -11.71 -3.82
CA PRO A 39 -24.13 -11.88 -2.98
C PRO A 39 -23.04 -10.87 -3.28
N GLY A 40 -22.50 -10.25 -2.23
CA GLY A 40 -21.48 -9.24 -2.41
C GLY A 40 -21.89 -7.95 -3.10
N GLN A 41 -23.21 -7.73 -3.30
CA GLN A 41 -23.66 -6.51 -3.97
C GLN A 41 -24.67 -5.70 -3.11
N ALA A 42 -24.78 -4.39 -3.39
CA ALA A 42 -25.70 -3.49 -2.75
C ALA A 42 -27.12 -3.90 -3.12
N PRO A 43 -28.10 -3.62 -2.25
CA PRO A 43 -29.51 -3.83 -2.66
C PRO A 43 -29.89 -2.96 -3.86
N VAL A 44 -30.85 -3.42 -4.67
CA VAL A 44 -31.33 -2.68 -5.84
C VAL A 44 -32.85 -2.62 -5.68
N LEU A 45 -33.44 -1.43 -5.85
CA LEU A 45 -34.90 -1.31 -5.73
C LEU A 45 -35.62 -1.92 -6.92
N VAL A 46 -36.63 -2.77 -6.68
CA VAL A 46 -37.33 -3.35 -7.86
C VAL A 46 -38.79 -2.91 -7.98
N ILE A 47 -39.40 -2.52 -6.85
CA ILE A 47 -40.77 -2.05 -6.77
C ILE A 47 -40.78 -1.05 -5.66
N TYR A 48 -41.44 0.09 -5.86
CA TYR A 48 -41.71 1.00 -4.74
C TYR A 48 -43.15 1.45 -4.64
N ASP A 49 -43.50 1.94 -3.45
CA ASP A 49 -44.86 2.45 -3.22
C ASP A 49 -45.91 1.36 -3.62
N ASP A 50 -45.70 0.15 -3.10
CA ASP A 50 -46.59 -1.05 -3.31
C ASP A 50 -46.46 -1.73 -4.67
N ASN A 51 -46.50 -0.99 -5.78
CA ASN A 51 -46.64 -1.61 -7.12
C ASN A 51 -45.97 -0.86 -8.25
N ASP A 52 -45.25 0.22 -7.95
CA ASP A 52 -44.59 0.98 -9.06
C ASP A 52 -43.20 0.44 -9.38
N ARG A 53 -42.79 0.53 -10.64
CA ARG A 53 -41.55 -0.05 -11.09
C ARG A 53 -40.58 1.01 -11.58
N PRO A 54 -39.34 1.08 -10.99
CA PRO A 54 -38.32 2.01 -11.50
C PRO A 54 -38.05 1.63 -12.95
N SER A 55 -37.61 2.57 -13.77
CA SER A 55 -37.32 2.28 -15.15
C SER A 55 -36.03 1.49 -15.15
N GLY A 56 -35.94 0.50 -16.02
CA GLY A 56 -34.79 -0.41 -15.99
C GLY A 56 -35.13 -1.75 -15.37
N ILE A 57 -36.21 -1.81 -14.58
CA ILE A 57 -36.61 -3.06 -13.95
C ILE A 57 -37.53 -3.84 -14.92
N PRO A 58 -37.15 -5.07 -15.30
CA PRO A 58 -37.96 -5.91 -16.21
C PRO A 58 -39.41 -5.94 -15.79
N GLU A 59 -40.33 -5.95 -16.76
CA GLU A 59 -41.79 -6.02 -16.47
C GLU A 59 -42.29 -7.26 -15.70
N ARG A 60 -41.47 -8.31 -15.62
CA ARG A 60 -41.91 -9.48 -14.83
C ARG A 60 -42.02 -9.21 -13.35
N PHE A 61 -41.32 -8.20 -12.82
CA PHE A 61 -41.50 -7.83 -11.39
C PHE A 61 -42.75 -7.01 -11.15
N SER A 62 -43.64 -7.49 -10.27
CA SER A 62 -44.79 -6.70 -9.91
C SER A 62 -45.06 -6.77 -8.41
N GLY A 63 -45.83 -5.82 -7.89
CA GLY A 63 -46.10 -5.82 -6.46
C GLY A 63 -47.55 -5.65 -6.04
N SER A 64 -47.84 -6.00 -4.79
CA SER A 64 -49.19 -5.86 -4.27
C SER A 64 -49.12 -5.62 -2.82
N ASN A 65 -50.14 -4.96 -2.27
CA ASN A 65 -50.19 -4.68 -0.86
C ASN A 65 -51.64 -4.48 -0.41
N SER A 66 -52.16 -5.39 0.41
CA SER A 66 -53.51 -5.28 1.02
C SER A 66 -53.50 -5.93 2.40
N GLY A 67 -54.17 -5.34 3.38
CA GLY A 67 -54.35 -5.97 4.68
C GLY A 67 -53.05 -6.24 5.42
N ASN A 68 -52.84 -7.48 5.84
CA ASN A 68 -51.64 -7.81 6.58
C ASN A 68 -50.52 -8.35 5.68
N THR A 69 -50.71 -8.31 4.37
CA THR A 69 -49.75 -8.98 3.49
C THR A 69 -49.39 -8.18 2.29
N ALA A 70 -48.09 -8.06 2.03
CA ALA A 70 -47.65 -7.47 0.78
C ALA A 70 -46.95 -8.54 0.00
N THR A 71 -47.05 -8.50 -1.31
CA THR A 71 -46.45 -9.55 -2.11
C THR A 71 -45.72 -9.05 -3.30
N LEU A 72 -44.54 -9.62 -3.53
CA LEU A 72 -43.74 -9.37 -4.74
C LEU A 72 -43.88 -10.59 -5.65
N THR A 73 -44.35 -10.36 -6.85
CA THR A 73 -44.58 -11.43 -7.77
C THR A 73 -43.59 -11.24 -8.89
N ILE A 74 -42.93 -12.35 -9.26
CA ILE A 74 -42.08 -12.46 -10.44
C ILE A 74 -42.68 -13.55 -11.35
N SER A 75 -43.09 -13.15 -12.56
CA SER A 75 -43.66 -14.13 -13.47
C SER A 75 -42.50 -14.61 -14.32
N GLY A 76 -42.63 -15.81 -14.91
CA GLY A 76 -41.58 -16.33 -15.79
C GLY A 76 -40.18 -16.21 -15.19
N THR A 77 -40.03 -16.65 -13.94
CA THR A 77 -38.77 -16.43 -13.21
C THR A 77 -37.55 -16.97 -14.00
N GLN A 78 -36.53 -16.12 -14.07
CA GLN A 78 -35.31 -16.43 -14.79
C GLN A 78 -34.19 -16.75 -13.77
N ALA A 79 -33.12 -17.41 -14.23
CA ALA A 79 -31.93 -17.76 -13.41
C ALA A 79 -31.31 -16.60 -12.68
N GLU A 80 -31.23 -15.47 -13.37
CA GLU A 80 -30.63 -14.26 -12.83
C GLU A 80 -31.48 -13.66 -11.69
N ASP A 81 -32.71 -14.13 -11.51
CA ASP A 81 -33.61 -13.57 -10.50
C ASP A 81 -33.30 -14.13 -9.11
N GLU A 82 -32.47 -15.16 -9.07
CA GLU A 82 -31.91 -15.74 -7.84
C GLU A 82 -31.20 -14.67 -7.00
N ALA A 83 -31.66 -14.47 -5.77
CA ALA A 83 -31.12 -13.42 -4.91
C ALA A 83 -31.85 -13.46 -3.60
N ASP A 84 -31.42 -12.63 -2.63
CA ASP A 84 -32.26 -12.30 -1.48
C ASP A 84 -33.17 -11.12 -1.84
N TYR A 85 -34.40 -11.17 -1.35
CA TYR A 85 -35.37 -10.09 -1.57
C TYR A 85 -35.78 -9.61 -0.22
N TYR A 86 -35.80 -8.27 -0.06
CA TYR A 86 -36.25 -7.62 1.18
C TYR A 86 -37.47 -6.74 0.92
N CYS A 87 -38.47 -6.81 1.79
CA CYS A 87 -39.54 -5.85 1.72
C CYS A 87 -39.19 -4.72 2.71
N GLY A 88 -39.67 -3.49 2.45
CA GLY A 88 -39.41 -2.36 3.38
C GLY A 88 -40.58 -1.38 3.47
N THR A 89 -40.80 -0.79 4.64
CA THR A 89 -41.84 0.23 4.75
C THR A 89 -41.28 1.37 5.61
N TRP A 90 -42.01 2.48 5.64
CA TRP A 90 -41.84 3.55 6.62
C TRP A 90 -43.08 3.69 7.50
N ASP A 91 -42.87 3.87 8.79
CA ASP A 91 -43.95 4.24 9.69
C ASP A 91 -43.44 5.16 10.79
N MET A 92 -44.35 5.96 11.28
CA MET A 92 -44.04 7.03 12.23
C MET A 92 -43.28 6.49 13.45
N VAL A 93 -43.62 5.29 13.91
CA VAL A 93 -43.03 4.76 15.15
C VAL A 93 -41.59 4.30 14.94
N THR A 94 -41.34 3.47 13.94
CA THR A 94 -40.05 2.80 13.85
C THR A 94 -39.29 3.25 12.59
N ASN A 95 -39.86 4.19 11.84
CA ASN A 95 -39.25 4.72 10.62
C ASN A 95 -39.02 3.63 9.61
N ASN A 96 -37.86 3.58 8.93
CA ASN A 96 -37.64 2.60 7.87
C ASN A 96 -37.45 1.23 8.52
N VAL A 97 -38.34 0.29 8.25
CA VAL A 97 -38.25 -1.09 8.76
C VAL A 97 -38.02 -1.98 7.56
N PHE A 98 -37.34 -3.12 7.72
CA PHE A 98 -37.14 -4.09 6.66
C PHE A 98 -37.59 -5.47 7.14
N GLY A 99 -38.13 -6.28 6.26
CA GLY A 99 -38.37 -7.70 6.58
C GLY A 99 -37.03 -8.39 6.72
N GLY A 100 -37.03 -9.63 7.19
CA GLY A 100 -35.75 -10.35 7.41
C GLY A 100 -35.12 -10.91 6.14
N GLY A 101 -35.83 -10.79 5.03
CA GLY A 101 -35.29 -11.20 3.76
C GLY A 101 -35.79 -12.58 3.40
N THR A 102 -35.79 -12.83 2.11
CA THR A 102 -36.19 -14.10 1.59
C THR A 102 -35.19 -14.46 0.47
N LYS A 103 -34.45 -15.54 0.67
CA LYS A 103 -33.61 -16.11 -0.38
C LYS A 103 -34.47 -16.83 -1.45
N LEU A 104 -34.34 -16.43 -2.71
CA LEU A 104 -35.11 -17.09 -3.77
C LEU A 104 -34.16 -17.98 -4.55
N THR A 105 -34.52 -19.25 -4.65
CA THR A 105 -33.75 -20.15 -5.52
C THR A 105 -34.57 -20.56 -6.71
N VAL A 106 -33.91 -20.50 -7.86
CA VAL A 106 -34.46 -21.02 -9.11
C VAL A 106 -33.75 -22.38 -9.27
N LEU A 107 -34.48 -23.47 -9.10
CA LEU A 107 -33.83 -24.80 -9.08
C LEU A 107 -32.68 -24.83 -10.10
N GLY A 108 -31.44 -24.70 -9.58
CA GLY A 108 -30.26 -24.27 -10.36
C GLY A 108 -29.10 -25.24 -10.58
N GLN A 109 -28.83 -26.10 -9.59
CA GLN A 109 -27.91 -27.23 -9.70
C GLN A 109 -28.65 -28.48 -9.16
N PRO A 110 -28.12 -29.70 -9.43
CA PRO A 110 -28.61 -30.85 -8.66
C PRO A 110 -28.13 -30.81 -7.22
N LYS A 111 -28.85 -31.48 -6.35
CA LYS A 111 -28.48 -31.62 -4.95
C LYS A 111 -27.08 -32.27 -4.89
N ALA A 112 -26.26 -31.84 -3.93
CA ALA A 112 -25.01 -32.55 -3.62
C ALA A 112 -24.84 -32.57 -2.13
N ALA A 113 -24.59 -33.77 -1.60
CA ALA A 113 -24.44 -33.95 -0.15
C ALA A 113 -23.05 -33.49 0.30
N PRO A 114 -22.88 -33.16 1.60
CA PRO A 114 -21.55 -32.73 2.05
C PRO A 114 -20.48 -33.80 2.22
N SER A 115 -19.27 -33.50 1.79
CA SER A 115 -18.11 -34.24 2.23
C SER A 115 -17.76 -33.71 3.63
N VAL A 116 -17.49 -34.61 4.57
CA VAL A 116 -17.13 -34.20 5.93
C VAL A 116 -15.82 -34.83 6.29
N THR A 117 -14.88 -33.97 6.64
CA THR A 117 -13.60 -34.43 7.12
C THR A 117 -13.40 -33.88 8.52
N LEU A 118 -13.03 -34.76 9.45
CA LEU A 118 -12.93 -34.44 10.87
C LEU A 118 -11.60 -34.84 11.43
N PHE A 119 -10.82 -33.85 11.88
CA PHE A 119 -9.45 -34.05 12.36
C PHE A 119 -9.42 -33.99 13.88
N PRO A 120 -8.72 -34.93 14.53
CA PRO A 120 -8.48 -34.82 15.95
C PRO A 120 -7.43 -33.74 16.26
N PRO A 121 -7.35 -33.30 17.53
CA PRO A 121 -6.28 -32.39 17.92
C PRO A 121 -4.93 -33.03 17.67
N SER A 122 -3.98 -32.20 17.27
CA SER A 122 -2.65 -32.66 17.02
C SER A 122 -1.87 -32.84 18.32
N SER A 123 -0.80 -33.63 18.23
CA SER A 123 0.09 -33.87 19.34
C SER A 123 0.80 -32.56 19.72
N GLU A 124 1.14 -31.77 18.70
CA GLU A 124 1.63 -30.39 18.89
C GLU A 124 0.70 -29.48 19.76
N GLU A 125 -0.56 -29.34 19.38
CA GLU A 125 -1.55 -28.60 20.18
C GLU A 125 -1.84 -29.20 21.59
N LEU A 126 -1.72 -30.52 21.75
CA LEU A 126 -1.92 -31.13 23.08
C LEU A 126 -0.72 -30.81 23.99
N GLN A 127 0.49 -30.73 23.44
CA GLN A 127 1.66 -30.29 24.20
C GLN A 127 1.60 -28.82 24.62
N ALA A 128 0.77 -28.03 23.93
CA ALA A 128 0.59 -26.61 24.23
C ALA A 128 -0.71 -26.43 25.02
N ASN A 129 -1.11 -27.53 25.68
CA ASN A 129 -2.21 -27.55 26.64
C ASN A 129 -3.58 -27.14 26.06
N LYS A 130 -3.80 -27.39 24.79
CA LYS A 130 -5.09 -27.14 24.19
C LYS A 130 -5.49 -28.31 23.30
N ALA A 131 -6.71 -28.28 22.80
CA ALA A 131 -7.17 -29.28 21.85
C ALA A 131 -8.33 -28.73 21.06
N THR A 132 -8.26 -28.88 19.74
CA THR A 132 -9.35 -28.43 18.87
C THR A 132 -9.64 -29.56 17.91
N LEU A 133 -10.92 -29.91 17.78
CA LEU A 133 -11.34 -30.87 16.78
C LEU A 133 -11.85 -30.00 15.67
N VAL A 134 -11.53 -30.39 14.43
CA VAL A 134 -11.78 -29.52 13.29
C VAL A 134 -12.67 -30.27 12.32
N CYS A 135 -13.81 -29.71 11.98
CA CYS A 135 -14.74 -30.40 11.11
C CYS A 135 -15.00 -29.63 9.83
N LEU A 136 -14.59 -30.18 8.68
CA LEU A 136 -14.61 -29.48 7.40
C LEU A 136 -15.67 -30.07 6.49
N ILE A 137 -16.47 -29.22 5.91
CA ILE A 137 -17.72 -29.62 5.26
C ILE A 137 -17.66 -28.96 3.92
N SER A 138 -17.77 -29.74 2.83
CA SER A 138 -17.53 -29.18 1.50
C SER A 138 -18.39 -29.80 0.43
N ASP A 139 -18.49 -29.12 -0.71
CA ASP A 139 -19.10 -29.69 -1.90
C ASP A 139 -20.56 -29.99 -1.72
N PHE A 140 -21.28 -29.10 -1.03
CA PHE A 140 -22.72 -29.31 -0.87
C PHE A 140 -23.55 -28.28 -1.62
N TYR A 141 -24.76 -28.68 -1.96
CA TYR A 141 -25.74 -27.85 -2.62
C TYR A 141 -27.07 -28.50 -2.30
N PRO A 142 -28.08 -27.69 -1.89
CA PRO A 142 -27.90 -26.24 -1.78
C PRO A 142 -27.15 -25.89 -0.49
N GLY A 143 -27.03 -24.60 -0.19
CA GLY A 143 -26.15 -24.19 0.87
C GLY A 143 -26.61 -24.05 2.29
N ALA A 144 -27.28 -25.03 2.85
CA ALA A 144 -27.57 -24.95 4.27
C ALA A 144 -27.32 -26.25 4.98
N VAL A 145 -26.69 -26.13 6.13
CA VAL A 145 -26.25 -27.28 6.86
C VAL A 145 -26.54 -27.02 8.34
N THR A 146 -26.60 -28.09 9.10
CA THR A 146 -26.82 -28.02 10.51
C THR A 146 -25.81 -29.01 11.04
N VAL A 147 -24.95 -28.53 11.93
CA VAL A 147 -23.83 -29.30 12.44
C VAL A 147 -24.07 -29.47 13.91
N ALA A 148 -23.63 -30.59 14.46
CA ALA A 148 -23.76 -30.92 15.88
C ALA A 148 -22.65 -31.84 16.32
N TRP A 149 -22.28 -31.73 17.59
CA TRP A 149 -21.22 -32.58 18.08
C TRP A 149 -21.76 -33.47 19.19
N LYS A 150 -21.08 -34.59 19.41
CA LYS A 150 -21.40 -35.46 20.53
C LYS A 150 -20.10 -35.91 21.18
N ALA A 151 -20.13 -36.05 22.50
CA ALA A 151 -19.04 -36.69 23.25
C ALA A 151 -19.57 -38.02 23.79
N ASP A 152 -19.20 -39.09 23.10
CA ASP A 152 -19.80 -40.42 23.32
C ASP A 152 -21.34 -40.42 23.39
N SER A 153 -21.98 -40.07 22.26
CA SER A 153 -23.46 -39.95 22.11
C SER A 153 -24.18 -38.89 22.98
N SER A 154 -23.39 -38.20 23.79
CA SER A 154 -23.92 -37.14 24.65
C SER A 154 -23.69 -35.81 23.95
N PRO A 155 -24.76 -35.02 23.76
CA PRO A 155 -24.69 -33.76 23.02
C PRO A 155 -23.71 -32.78 23.63
N VAL A 156 -23.10 -31.93 22.80
CA VAL A 156 -22.23 -30.84 23.25
C VAL A 156 -22.71 -29.51 22.67
N LYS A 157 -22.82 -28.50 23.53
CA LYS A 157 -23.03 -27.13 23.07
C LYS A 157 -21.81 -26.26 23.44
N ALA A 158 -21.14 -26.63 24.52
CA ALA A 158 -19.98 -25.89 25.02
C ALA A 158 -18.77 -26.04 24.11
N GLY A 159 -18.24 -24.91 23.67
CA GLY A 159 -16.96 -24.92 22.95
C GLY A 159 -17.07 -25.11 21.44
N VAL A 160 -18.27 -24.93 20.90
CA VAL A 160 -18.52 -25.15 19.47
C VAL A 160 -18.68 -23.82 18.75
N GLU A 161 -17.90 -23.65 17.66
CA GLU A 161 -17.98 -22.49 16.75
C GLU A 161 -18.06 -22.98 15.31
N THR A 162 -19.05 -22.50 14.57
CA THR A 162 -19.40 -23.00 13.26
C THR A 162 -19.58 -21.82 12.30
N THR A 163 -19.03 -21.87 11.07
CA THR A 163 -19.17 -20.76 10.11
C THR A 163 -20.48 -20.89 9.38
N THR A 164 -20.85 -19.85 8.66
CA THR A 164 -21.98 -20.02 7.76
C THR A 164 -21.48 -20.41 6.38
N PRO A 165 -22.30 -21.14 5.62
CA PRO A 165 -21.87 -21.65 4.32
C PRO A 165 -21.50 -20.54 3.36
N SER A 166 -20.42 -20.74 2.60
CA SER A 166 -20.01 -19.80 1.60
C SER A 166 -19.92 -20.52 0.28
N LYS A 167 -20.39 -19.86 -0.78
CA LYS A 167 -20.33 -20.38 -2.14
C LYS A 167 -18.89 -20.64 -2.52
N GLN A 168 -18.65 -21.81 -3.12
CA GLN A 168 -17.32 -22.27 -3.50
C GLN A 168 -16.86 -21.70 -4.84
N SER A 169 -16.22 -22.56 -5.64
CA SER A 169 -15.59 -22.20 -6.90
C SER A 169 -16.11 -23.14 -7.97
N ASN A 170 -16.99 -24.06 -7.56
CA ASN A 170 -17.65 -25.00 -8.46
C ASN A 170 -19.17 -25.00 -8.26
N ASN A 171 -19.67 -23.91 -7.67
CA ASN A 171 -21.12 -23.72 -7.43
C ASN A 171 -21.70 -24.55 -6.31
N LYS A 172 -20.86 -24.97 -5.38
CA LYS A 172 -21.35 -25.67 -4.20
C LYS A 172 -20.77 -24.90 -3.04
N TYR A 173 -21.07 -25.36 -1.83
CA TYR A 173 -20.80 -24.60 -0.60
C TYR A 173 -19.88 -25.33 0.35
N ALA A 174 -19.21 -24.57 1.22
CA ALA A 174 -18.30 -25.07 2.24
C ALA A 174 -18.64 -24.44 3.57
N ALA A 175 -18.37 -25.15 4.68
CA ALA A 175 -18.45 -24.62 6.03
C ALA A 175 -17.46 -25.36 6.90
N SER A 176 -17.27 -24.85 8.12
CA SER A 176 -16.41 -25.53 9.09
C SER A 176 -16.93 -25.39 10.51
N SER A 177 -16.58 -26.36 11.34
CA SER A 177 -16.98 -26.30 12.73
C SER A 177 -15.79 -26.69 13.53
N TYR A 178 -15.65 -26.03 14.68
CA TYR A 178 -14.53 -26.26 15.59
C TYR A 178 -15.05 -26.51 17.00
N LEU A 179 -14.54 -27.54 17.64
CA LEU A 179 -14.93 -27.84 19.01
C LEU A 179 -13.70 -27.70 19.84
N SER A 180 -13.66 -26.68 20.70
CA SER A 180 -12.50 -26.49 21.55
C SER A 180 -12.67 -27.09 22.94
N LEU A 181 -11.78 -28.03 23.27
CA LEU A 181 -11.75 -28.65 24.59
C LEU A 181 -10.39 -28.39 25.24
N THR A 182 -10.26 -28.82 26.48
CA THR A 182 -8.98 -28.92 27.16
C THR A 182 -8.46 -30.33 26.91
N PRO A 183 -7.13 -30.53 27.00
CA PRO A 183 -6.59 -31.89 26.91
C PRO A 183 -7.30 -32.92 27.82
N GLU A 184 -7.63 -32.57 29.07
CA GLU A 184 -8.28 -33.53 29.98
C GLU A 184 -9.71 -33.89 29.51
N GLN A 185 -10.52 -32.88 29.21
CA GLN A 185 -11.79 -33.08 28.49
C GLN A 185 -11.63 -34.03 27.30
N TRP A 186 -10.67 -33.73 26.42
CA TRP A 186 -10.41 -34.53 25.22
C TRP A 186 -10.09 -36.00 25.55
N LYS A 187 -9.38 -36.23 26.64
CA LYS A 187 -9.10 -37.59 27.10
C LYS A 187 -10.29 -38.18 27.88
N SER A 188 -11.18 -37.32 28.38
CA SER A 188 -12.25 -37.71 29.32
C SER A 188 -13.48 -38.35 28.71
N HIS A 189 -13.63 -38.23 27.40
CA HIS A 189 -14.64 -38.98 26.69
C HIS A 189 -13.94 -39.96 25.77
N ARG A 190 -14.61 -41.04 25.42
CA ARG A 190 -13.90 -42.08 24.66
C ARG A 190 -13.97 -41.87 23.14
N SER A 191 -14.84 -40.96 22.74
CA SER A 191 -15.00 -40.57 21.32
C SER A 191 -15.89 -39.34 21.14
N TYR A 192 -15.86 -38.79 19.92
CA TYR A 192 -16.45 -37.50 19.61
C TYR A 192 -16.87 -37.51 18.12
N SER A 193 -17.96 -36.83 17.77
CA SER A 193 -18.40 -36.83 16.38
C SER A 193 -19.00 -35.51 15.98
N CYS A 194 -18.76 -35.05 14.74
CA CYS A 194 -19.57 -33.94 14.17
C CYS A 194 -20.55 -34.62 13.28
N GLN A 195 -21.81 -34.24 13.42
CA GLN A 195 -22.88 -34.86 12.68
C GLN A 195 -23.40 -33.74 11.84
N VAL A 196 -23.30 -33.89 10.53
CA VAL A 196 -23.72 -32.84 9.63
C VAL A 196 -24.98 -33.24 8.89
N THR A 197 -26.00 -32.40 9.00
CA THR A 197 -27.29 -32.63 8.38
C THR A 197 -27.48 -31.64 7.26
N HIS A 198 -27.75 -32.15 6.06
CA HIS A 198 -27.97 -31.31 4.88
C HIS A 198 -29.32 -31.62 4.28
N GLU A 199 -30.11 -30.56 4.05
CA GLU A 199 -31.53 -30.67 3.71
C GLU A 199 -31.79 -32.08 3.24
N GLY A 200 -32.42 -32.85 4.13
CA GLY A 200 -32.50 -34.29 3.98
C GLY A 200 -31.91 -35.05 5.15
N SER A 201 -30.67 -35.51 4.97
CA SER A 201 -30.08 -36.56 5.80
C SER A 201 -28.80 -36.17 6.56
N THR A 202 -28.35 -37.09 7.42
CA THR A 202 -27.25 -36.85 8.36
C THR A 202 -25.98 -37.63 8.02
N VAL A 203 -24.88 -36.90 7.91
CA VAL A 203 -23.55 -37.44 7.68
C VAL A 203 -22.81 -37.29 9.01
N GLU A 204 -21.94 -38.23 9.34
CA GLU A 204 -21.25 -38.26 10.63
C GLU A 204 -19.82 -38.73 10.43
N LYS A 205 -18.91 -38.10 11.18
CA LYS A 205 -17.54 -38.56 11.27
C LYS A 205 -17.18 -38.67 12.76
N THR A 206 -16.36 -39.62 13.15
CA THR A 206 -16.03 -39.70 14.57
C THR A 206 -14.53 -39.87 14.82
N VAL A 207 -14.08 -39.37 15.96
CA VAL A 207 -12.68 -39.49 16.31
C VAL A 207 -12.56 -39.97 17.78
N ALA A 208 -11.47 -40.69 18.09
CA ALA A 208 -11.20 -41.13 19.47
C ALA A 208 -9.76 -40.84 19.90
N PRO A 209 -9.57 -40.40 21.15
CA PRO A 209 -8.23 -40.21 21.76
C PRO A 209 -7.27 -41.37 21.59
N THR A 210 -5.97 -41.06 21.59
CA THR A 210 -4.90 -42.05 21.43
C THR A 210 -3.78 -41.85 22.48
N GLN B 1 -25.65 9.26 -14.21
CA GLN B 1 -25.73 8.03 -13.36
C GLN B 1 -25.63 8.44 -11.86
N VAL B 2 -26.66 8.08 -11.07
CA VAL B 2 -26.64 8.30 -9.61
C VAL B 2 -25.47 7.52 -9.03
N GLN B 3 -24.60 8.17 -8.27
CA GLN B 3 -23.50 7.45 -7.61
C GLN B 3 -23.42 7.90 -6.16
N LEU B 4 -23.18 6.94 -5.27
CA LEU B 4 -23.03 7.12 -3.87
C LEU B 4 -21.80 6.29 -3.47
N VAL B 5 -20.75 6.95 -2.99
CA VAL B 5 -19.48 6.29 -2.64
C VAL B 5 -19.14 6.53 -1.19
N GLU B 6 -19.25 5.49 -0.36
CA GLU B 6 -18.98 5.60 1.12
C GLU B 6 -17.54 5.29 1.46
N SER B 7 -17.03 5.89 2.53
CA SER B 7 -15.66 5.55 2.94
C SER B 7 -15.44 5.95 4.39
N GLY B 8 -14.32 5.50 4.95
CA GLY B 8 -14.00 5.83 6.34
C GLY B 8 -14.26 4.60 7.23
N GLY B 9 -14.83 3.55 6.66
CA GLY B 9 -14.97 2.35 7.47
C GLY B 9 -13.62 1.74 7.77
N GLY B 10 -13.56 0.94 8.82
CA GLY B 10 -12.35 0.21 9.06
C GLY B 10 -12.46 -0.41 10.40
N LEU B 11 -11.34 -0.87 10.93
CA LEU B 11 -11.35 -1.47 12.24
C LEU B 11 -11.16 -0.41 13.30
N VAL B 12 -11.82 -0.62 14.43
CA VAL B 12 -11.83 0.30 15.51
C VAL B 12 -12.28 -0.50 16.74
N GLN B 13 -11.98 -0.01 17.94
CA GLN B 13 -12.31 -0.72 19.16
C GLN B 13 -13.58 -0.19 19.77
N PRO B 14 -14.29 -1.03 20.52
CA PRO B 14 -15.48 -0.68 21.27
C PRO B 14 -15.16 0.50 22.16
N GLY B 15 -16.13 1.38 22.41
CA GLY B 15 -15.84 2.62 23.13
C GLY B 15 -15.22 3.68 22.25
N GLY B 16 -14.69 3.28 21.08
CA GLY B 16 -14.00 4.24 20.22
C GLY B 16 -14.96 4.95 19.28
N SER B 17 -14.43 5.70 18.33
CA SER B 17 -15.30 6.44 17.43
C SER B 17 -14.82 6.36 16.00
N LEU B 18 -15.71 6.61 15.07
CA LEU B 18 -15.34 6.67 13.65
C LEU B 18 -16.24 7.63 12.92
N ARG B 19 -15.75 8.27 11.87
CA ARG B 19 -16.62 9.05 10.97
C ARG B 19 -16.66 8.51 9.54
N LEU B 20 -17.87 8.25 9.03
CA LEU B 20 -18.02 7.73 7.68
C LEU B 20 -18.41 8.90 6.86
N SER B 21 -18.15 8.84 5.57
CA SER B 21 -18.67 9.84 4.65
C SER B 21 -19.13 9.16 3.39
N CYS B 22 -19.92 9.89 2.61
CA CYS B 22 -20.55 9.37 1.39
C CYS B 22 -20.51 10.57 0.49
N ALA B 23 -19.83 10.43 -0.64
CA ALA B 23 -19.80 11.50 -1.65
C ALA B 23 -20.81 11.13 -2.76
N ALA B 24 -21.73 12.04 -3.08
CA ALA B 24 -22.82 11.70 -4.04
C ALA B 24 -22.58 12.41 -5.37
N SER B 25 -23.18 11.91 -6.47
CA SER B 25 -23.10 12.58 -7.77
C SER B 25 -24.20 12.02 -8.65
N GLY B 26 -24.49 12.70 -9.78
CA GLY B 26 -25.50 12.26 -10.78
C GLY B 26 -26.97 12.55 -10.45
N PHE B 27 -27.21 13.33 -9.39
CA PHE B 27 -28.58 13.82 -9.09
C PHE B 27 -28.41 15.08 -8.30
N THR B 28 -29.51 15.80 -8.09
CA THR B 28 -29.47 17.02 -7.29
C THR B 28 -29.57 16.62 -5.82
N PHE B 29 -28.39 16.53 -5.23
CA PHE B 29 -28.17 16.03 -3.87
C PHE B 29 -29.02 16.81 -2.88
N ASN B 30 -28.96 18.14 -2.99
CA ASN B 30 -29.71 19.11 -2.17
C ASN B 30 -31.21 18.92 -2.03
N SER B 31 -31.82 18.11 -2.89
CA SER B 31 -33.27 18.01 -2.81
C SER B 31 -33.79 16.62 -2.33
N TYR B 32 -32.94 15.80 -1.71
CA TYR B 32 -33.35 14.47 -1.30
C TYR B 32 -32.95 14.25 0.12
N TRP B 33 -33.81 13.48 0.78
CA TRP B 33 -33.52 12.83 2.06
C TRP B 33 -32.45 11.80 1.78
N ILE B 34 -31.43 11.71 2.65
CA ILE B 34 -30.41 10.66 2.53
C ILE B 34 -30.33 9.85 3.81
N ASN B 35 -30.09 8.53 3.68
CA ASN B 35 -30.01 7.55 4.78
C ASN B 35 -28.65 6.87 4.90
N TRP B 36 -28.37 6.36 6.11
CA TRP B 36 -27.36 5.32 6.34
C TRP B 36 -28.17 4.05 6.69
N VAL B 37 -27.82 2.93 6.08
CA VAL B 37 -28.45 1.63 6.38
C VAL B 37 -27.28 0.68 6.57
N ARG B 38 -27.38 -0.29 7.50
CA ARG B 38 -26.20 -1.14 7.75
C ARG B 38 -26.61 -2.58 7.54
N GLN B 39 -25.63 -3.44 7.24
CA GLN B 39 -25.90 -4.89 7.10
C GLN B 39 -24.79 -5.67 7.85
N ALA B 40 -25.10 -6.35 8.96
CA ALA B 40 -24.08 -7.23 9.58
C ALA B 40 -23.77 -8.47 8.72
N PRO B 41 -22.52 -8.97 8.73
CA PRO B 41 -22.24 -10.03 7.75
C PRO B 41 -23.26 -11.19 7.87
N GLY B 42 -23.76 -11.64 6.73
CA GLY B 42 -24.86 -12.63 6.68
C GLY B 42 -26.18 -12.32 7.38
N LYS B 43 -26.44 -11.05 7.69
CA LYS B 43 -27.69 -10.64 8.36
C LYS B 43 -28.53 -9.76 7.39
N GLY B 44 -29.73 -9.35 7.80
CA GLY B 44 -30.58 -8.53 6.98
C GLY B 44 -30.19 -7.06 7.07
N LEU B 45 -31.05 -6.18 6.59
CA LEU B 45 -30.82 -4.74 6.53
C LEU B 45 -31.42 -4.05 7.71
N GLU B 46 -30.70 -3.07 8.27
CA GLU B 46 -31.14 -2.25 9.39
C GLU B 46 -30.86 -0.78 9.10
N TRP B 47 -31.92 0.01 8.99
CA TRP B 47 -31.84 1.45 8.80
C TRP B 47 -31.21 2.08 10.05
N VAL B 48 -30.36 3.06 9.85
CA VAL B 48 -29.57 3.61 10.97
C VAL B 48 -29.97 5.03 11.27
N SER B 49 -30.05 5.86 10.23
CA SER B 49 -30.19 7.31 10.42
C SER B 49 -30.59 7.91 9.13
N GLY B 50 -31.30 9.02 9.16
CA GLY B 50 -31.59 9.73 7.90
C GLY B 50 -31.67 11.22 8.11
N ILE B 51 -31.49 11.99 7.04
CA ILE B 51 -31.50 13.45 7.19
C ILE B 51 -32.28 14.12 6.05
N ALA B 52 -33.15 15.08 6.39
CA ALA B 52 -33.97 15.72 5.35
C ALA B 52 -33.11 16.50 4.37
N TYR B 53 -33.68 16.81 3.20
CA TYR B 53 -32.96 17.56 2.18
C TYR B 53 -32.39 18.88 2.71
N ASP B 54 -33.11 19.52 3.63
CA ASP B 54 -32.75 20.87 4.08
C ASP B 54 -32.13 20.83 5.48
N SER B 55 -31.81 19.62 5.94
CA SER B 55 -31.30 19.42 7.28
C SER B 55 -32.25 19.97 8.34
N SER B 56 -33.53 20.03 8.02
CA SER B 56 -34.51 20.40 9.07
C SER B 56 -34.88 19.27 10.02
N ASN B 57 -34.59 18.02 9.64
CA ASN B 57 -35.07 16.84 10.41
C ASN B 57 -33.99 15.77 10.27
N THR B 58 -33.72 15.09 11.37
CA THR B 58 -32.72 14.03 11.46
C THR B 58 -33.39 12.95 12.34
N LEU B 59 -33.27 11.67 11.95
CA LEU B 59 -33.91 10.54 12.66
C LEU B 59 -32.92 9.42 12.77
N TYR B 60 -33.04 8.63 13.85
CA TYR B 60 -32.06 7.59 14.22
C TYR B 60 -32.81 6.37 14.66
N ALA B 61 -32.27 5.17 14.40
CA ALA B 61 -32.79 3.93 14.97
C ALA B 61 -32.55 4.00 16.47
N ASP B 62 -33.47 3.41 17.26
CA ASP B 62 -33.26 3.39 18.73
C ASP B 62 -31.95 2.67 19.12
N SER B 63 -31.45 1.79 18.25
CA SER B 63 -30.22 1.05 18.56
C SER B 63 -29.02 1.97 18.58
N VAL B 64 -29.19 3.11 17.97
CA VAL B 64 -28.06 3.99 17.66
C VAL B 64 -28.22 5.38 18.24
N LYS B 65 -29.44 5.68 18.69
CA LYS B 65 -29.73 7.04 19.19
C LYS B 65 -28.85 7.46 20.34
N GLY B 66 -28.40 8.71 20.31
CA GLY B 66 -27.49 9.22 21.33
C GLY B 66 -26.00 8.95 21.10
N ARG B 67 -25.66 8.05 20.19
CA ARG B 67 -24.24 7.74 19.93
C ARG B 67 -23.80 8.15 18.52
N PHE B 68 -24.75 8.15 17.57
CA PHE B 68 -24.40 8.51 16.15
C PHE B 68 -24.98 9.85 15.85
N THR B 69 -24.29 10.61 15.00
CA THR B 69 -24.78 11.91 14.57
C THR B 69 -24.65 12.04 13.06
N ILE B 70 -25.76 12.37 12.37
CA ILE B 70 -25.75 12.45 10.91
C ILE B 70 -25.67 13.91 10.51
N SER B 71 -25.01 14.25 9.40
CA SER B 71 -25.00 15.64 8.95
C SER B 71 -24.76 15.58 7.49
N ARG B 72 -24.97 16.71 6.81
CA ARG B 72 -24.70 16.75 5.36
C ARG B 72 -24.04 18.08 5.01
N ASP B 73 -23.31 18.05 3.90
CA ASP B 73 -22.74 19.29 3.33
C ASP B 73 -23.27 19.42 1.93
N ASN B 74 -24.27 20.24 1.78
CA ASN B 74 -24.97 20.37 0.50
C ASN B 74 -24.05 21.00 -0.58
N SER B 75 -23.02 21.73 -0.14
CA SER B 75 -22.07 22.39 -1.03
C SER B 75 -21.01 21.41 -1.58
N LYS B 76 -20.85 20.27 -0.94
CA LYS B 76 -19.88 19.33 -1.39
C LYS B 76 -20.54 18.03 -1.80
N ASN B 77 -21.88 17.97 -1.77
CA ASN B 77 -22.58 16.74 -2.06
C ASN B 77 -22.13 15.58 -1.17
N THR B 78 -22.00 15.83 0.14
CA THR B 78 -21.41 14.84 1.01
C THR B 78 -22.24 14.61 2.24
N LEU B 79 -22.32 13.36 2.69
CA LEU B 79 -23.11 13.02 3.86
C LEU B 79 -22.11 12.42 4.84
N TYR B 80 -22.31 12.68 6.12
CA TYR B 80 -21.46 12.15 7.18
C TYR B 80 -22.24 11.38 8.20
N LEU B 81 -21.60 10.37 8.81
CA LEU B 81 -22.14 9.72 10.00
C LEU B 81 -21.00 9.68 11.03
N GLN B 82 -21.14 10.44 12.10
CA GLN B 82 -20.15 10.41 13.18
C GLN B 82 -20.66 9.34 14.14
N MET B 83 -19.93 8.24 14.28
CA MET B 83 -20.32 7.14 15.17
C MET B 83 -19.45 7.11 16.44
N ASN B 84 -20.05 7.39 17.59
CA ASN B 84 -19.29 7.43 18.88
C ASN B 84 -19.69 6.26 19.76
N SER B 85 -18.94 5.99 20.83
CA SER B 85 -19.24 4.90 21.75
C SER B 85 -19.60 3.62 21.02
N LEU B 86 -18.76 3.28 20.05
CA LEU B 86 -19.01 2.08 19.27
C LEU B 86 -19.10 0.82 20.16
N ARG B 87 -19.96 -0.08 19.73
CA ARG B 87 -20.13 -1.40 20.31
C ARG B 87 -19.86 -2.45 19.24
N ALA B 88 -19.55 -3.66 19.69
CA ALA B 88 -19.22 -4.77 18.84
C ALA B 88 -20.36 -5.06 17.86
N GLU B 89 -21.59 -5.05 18.38
CA GLU B 89 -22.77 -5.23 17.55
C GLU B 89 -23.06 -4.08 16.54
N ASP B 90 -22.24 -3.03 16.48
CA ASP B 90 -22.30 -2.08 15.36
C ASP B 90 -21.48 -2.50 14.13
N THR B 91 -20.80 -3.64 14.21
CA THR B 91 -19.98 -4.14 13.14
C THR B 91 -20.94 -4.41 11.93
N ALA B 92 -20.69 -3.85 10.76
CA ALA B 92 -21.58 -4.11 9.64
C ALA B 92 -21.05 -3.37 8.43
N VAL B 93 -21.52 -3.74 7.25
CA VAL B 93 -21.32 -2.84 6.09
C VAL B 93 -22.35 -1.75 6.22
N TYR B 94 -21.88 -0.50 6.13
CA TYR B 94 -22.71 0.72 6.16
C TYR B 94 -22.88 1.28 4.78
N TYR B 95 -24.12 1.33 4.32
CA TYR B 95 -24.50 1.86 3.03
C TYR B 95 -25.07 3.26 3.17
N CYS B 96 -24.71 4.10 2.24
CA CYS B 96 -25.40 5.34 2.11
C CYS B 96 -26.53 5.08 1.14
N ALA B 97 -27.74 5.54 1.42
CA ALA B 97 -28.87 5.21 0.52
C ALA B 97 -29.80 6.37 0.35
N ARG B 98 -29.90 6.88 -0.86
CA ARG B 98 -30.83 7.97 -1.17
C ARG B 98 -32.33 7.61 -0.91
N GLY B 99 -33.06 8.51 -0.31
CA GLY B 99 -34.53 8.33 -0.10
C GLY B 99 -35.30 8.49 -1.39
N LEU B 100 -36.60 8.20 -1.39
CA LEU B 100 -37.41 8.45 -2.61
C LEU B 100 -37.64 9.95 -2.96
N GLY B 101 -37.78 10.76 -1.92
CA GLY B 101 -37.98 12.24 -1.96
C GLY B 101 -37.24 12.95 -0.80
N ALA B 102 -37.82 14.02 -0.29
CA ALA B 102 -37.11 15.06 0.47
C ALA B 102 -37.33 15.01 1.93
N PHE B 103 -38.46 14.41 2.33
CA PHE B 103 -38.94 14.50 3.69
C PHE B 103 -39.02 13.12 4.37
N HIS B 104 -39.22 13.07 5.69
CA HIS B 104 -39.13 11.80 6.41
C HIS B 104 -40.05 10.70 5.82
N TRP B 105 -41.25 11.09 5.46
CA TRP B 105 -42.22 10.14 4.97
C TRP B 105 -41.78 9.52 3.61
N ASP B 106 -40.86 10.19 2.91
CA ASP B 106 -40.29 9.73 1.64
C ASP B 106 -38.96 9.02 1.90
N MET B 107 -38.69 8.58 3.12
CA MET B 107 -37.30 8.16 3.43
C MET B 107 -36.89 6.76 2.93
N GLN B 108 -37.82 6.00 2.37
CA GLN B 108 -37.44 4.68 1.82
C GLN B 108 -36.36 4.83 0.78
N PRO B 109 -35.31 4.00 0.89
CA PRO B 109 -34.18 4.01 -0.07
C PRO B 109 -34.59 3.72 -1.50
N ASP B 110 -34.06 4.47 -2.46
CA ASP B 110 -34.11 3.97 -3.79
C ASP B 110 -32.74 3.54 -4.33
N TYR B 111 -31.71 4.37 -4.24
CA TYR B 111 -30.36 4.03 -4.74
C TYR B 111 -29.39 3.78 -3.54
N TRP B 112 -28.50 2.78 -3.62
CA TRP B 112 -27.59 2.46 -2.49
C TRP B 112 -26.15 2.48 -3.01
N GLY B 113 -25.19 2.88 -2.19
CA GLY B 113 -23.78 2.78 -2.56
C GLY B 113 -23.31 1.32 -2.42
N GLN B 114 -22.02 1.06 -2.55
CA GLN B 114 -21.52 -0.32 -2.37
C GLN B 114 -21.20 -0.53 -0.90
N GLY B 115 -21.06 0.57 -0.16
CA GLY B 115 -21.04 0.50 1.30
C GLY B 115 -19.62 0.50 1.80
N THR B 116 -19.43 0.74 3.09
CA THR B 116 -18.07 0.68 3.67
C THR B 116 -18.07 -0.24 4.92
N LEU B 117 -17.10 -1.13 5.09
CA LEU B 117 -17.07 -2.06 6.25
C LEU B 117 -16.50 -1.48 7.55
N VAL B 118 -17.27 -1.64 8.62
CA VAL B 118 -16.87 -1.16 9.95
C VAL B 118 -16.79 -2.39 10.85
N THR B 119 -15.61 -2.66 11.36
CA THR B 119 -15.44 -3.82 12.22
C THR B 119 -15.13 -3.30 13.61
N VAL B 120 -15.98 -3.61 14.59
CA VAL B 120 -15.71 -3.08 15.90
C VAL B 120 -15.29 -4.23 16.76
N SER B 121 -14.04 -4.26 17.22
CA SER B 121 -13.61 -5.42 18.06
C SER B 121 -12.60 -5.04 19.11
N SER B 122 -12.69 -5.63 20.30
CA SER B 122 -11.65 -5.36 21.31
C SER B 122 -10.39 -6.25 21.27
N ALA B 123 -10.33 -7.16 20.30
CA ALA B 123 -9.19 -8.07 20.16
C ALA B 123 -7.90 -7.28 19.88
N SER B 124 -6.76 -7.71 20.43
CA SER B 124 -5.46 -7.17 20.01
C SER B 124 -4.93 -7.95 18.82
N THR B 125 -4.06 -7.31 18.04
CA THR B 125 -3.45 -7.90 16.88
C THR B 125 -2.68 -9.12 17.31
N LYS B 126 -2.85 -10.23 16.60
CA LYS B 126 -2.25 -11.48 17.03
C LYS B 126 -2.05 -12.34 15.83
N GLY B 127 -0.84 -12.84 15.71
CA GLY B 127 -0.48 -13.82 14.72
C GLY B 127 -1.03 -15.16 15.15
N PRO B 128 -1.33 -16.01 14.19
CA PRO B 128 -1.91 -17.36 14.45
C PRO B 128 -0.95 -18.38 15.05
N SER B 129 -1.49 -19.39 15.71
CA SER B 129 -0.70 -20.59 16.01
C SER B 129 -0.99 -21.56 14.86
N VAL B 130 0.03 -22.21 14.32
CA VAL B 130 -0.21 -23.08 13.17
C VAL B 130 0.04 -24.52 13.62
N PHE B 131 -0.99 -25.37 13.49
CA PHE B 131 -0.90 -26.81 13.83
C PHE B 131 -1.09 -27.70 12.60
N PRO B 132 -0.42 -28.88 12.54
CA PRO B 132 -0.63 -29.78 11.40
C PRO B 132 -1.89 -30.60 11.62
N LEU B 133 -2.58 -30.89 10.52
CA LEU B 133 -3.71 -31.81 10.54
C LEU B 133 -3.26 -33.00 9.72
N ALA B 134 -2.70 -33.97 10.43
CA ALA B 134 -1.98 -35.08 9.82
C ALA B 134 -2.95 -35.91 8.97
N PRO B 135 -2.47 -36.51 7.88
CA PRO B 135 -3.38 -37.37 7.14
C PRO B 135 -3.64 -38.61 8.02
N SER B 136 -4.88 -39.09 8.08
CA SER B 136 -5.11 -40.31 8.88
C SER B 136 -5.57 -41.38 7.93
N SER B 137 -6.77 -41.91 8.18
CA SER B 137 -7.39 -42.87 7.25
C SER B 137 -8.83 -42.40 6.92
N LYS B 138 -9.14 -42.33 5.63
CA LYS B 138 -10.38 -41.72 5.13
C LYS B 138 -10.83 -42.37 3.81
N SER B 139 -9.95 -42.37 2.81
CA SER B 139 -10.12 -43.15 1.57
C SER B 139 -9.29 -44.45 1.57
N THR B 140 -8.06 -44.43 1.03
CA THR B 140 -7.14 -45.61 1.09
C THR B 140 -5.80 -45.55 0.30
N SER B 141 -5.04 -46.63 0.41
CA SER B 141 -3.87 -46.87 -0.44
C SER B 141 -4.29 -46.93 -1.92
N GLY B 142 -3.52 -46.23 -2.76
CA GLY B 142 -3.77 -46.12 -4.19
C GLY B 142 -4.95 -45.20 -4.45
N GLY B 143 -5.50 -44.63 -3.36
CA GLY B 143 -6.49 -43.52 -3.40
C GLY B 143 -5.91 -42.14 -3.12
N THR B 144 -6.75 -41.22 -2.66
CA THR B 144 -6.26 -39.85 -2.36
C THR B 144 -6.34 -39.73 -0.87
N ALA B 145 -5.64 -38.75 -0.33
CA ALA B 145 -5.66 -38.48 1.10
C ALA B 145 -5.73 -36.97 1.32
N ALA B 146 -6.27 -36.58 2.48
CA ALA B 146 -6.47 -35.17 2.85
C ALA B 146 -5.61 -34.90 4.07
N LEU B 147 -4.86 -33.83 4.01
CA LEU B 147 -4.10 -33.37 5.15
C LEU B 147 -4.21 -31.85 5.13
N GLY B 148 -3.92 -31.21 6.25
CA GLY B 148 -4.12 -29.76 6.24
C GLY B 148 -3.34 -29.01 7.29
N CYS B 149 -3.69 -27.73 7.48
CA CYS B 149 -3.10 -26.89 8.54
C CYS B 149 -4.23 -26.18 9.23
N LEU B 150 -4.13 -26.09 10.55
CA LEU B 150 -5.12 -25.41 11.37
C LEU B 150 -4.45 -24.09 11.74
N VAL B 151 -5.05 -22.98 11.31
CA VAL B 151 -4.49 -21.66 11.65
C VAL B 151 -5.39 -21.05 12.73
N LYS B 152 -4.91 -21.12 13.98
CA LYS B 152 -5.72 -20.80 15.15
C LYS B 152 -5.43 -19.40 15.73
N ASP B 153 -6.49 -18.63 16.00
CA ASP B 153 -6.46 -17.48 16.94
C ASP B 153 -5.60 -16.35 16.44
N TYR B 154 -6.05 -15.70 15.41
CA TYR B 154 -5.40 -14.53 14.91
C TYR B 154 -6.41 -13.40 14.82
N PHE B 155 -5.88 -12.20 14.65
CA PHE B 155 -6.71 -11.02 14.50
C PHE B 155 -5.77 -9.94 14.03
N PRO B 156 -6.23 -9.06 13.11
CA PRO B 156 -7.49 -9.10 12.31
C PRO B 156 -7.31 -9.96 11.09
N GLU B 157 -8.37 -10.07 10.29
CA GLU B 157 -8.27 -10.64 8.99
C GLU B 157 -7.33 -9.74 8.18
N PRO B 158 -6.80 -10.23 7.05
CA PRO B 158 -6.82 -11.60 6.52
C PRO B 158 -5.50 -12.37 6.74
N VAL B 159 -5.54 -13.66 6.43
CA VAL B 159 -4.38 -14.56 6.53
C VAL B 159 -4.28 -15.13 5.14
N THR B 160 -3.08 -15.41 4.68
CA THR B 160 -2.89 -16.11 3.40
C THR B 160 -2.25 -17.44 3.73
N VAL B 161 -2.73 -18.49 3.06
CA VAL B 161 -2.15 -19.78 3.23
C VAL B 161 -1.71 -20.24 1.85
N SER B 162 -0.45 -20.65 1.71
CA SER B 162 -0.07 -21.48 0.54
C SER B 162 0.54 -22.84 0.99
N TRP B 163 0.84 -23.72 0.04
CA TRP B 163 1.40 -25.03 0.32
C TRP B 163 2.70 -25.16 -0.48
N ASN B 164 3.78 -25.60 0.17
CA ASN B 164 5.10 -25.72 -0.44
C ASN B 164 5.44 -24.48 -1.22
N SER B 165 5.34 -23.33 -0.55
CA SER B 165 5.69 -22.02 -1.12
C SER B 165 4.95 -21.53 -2.37
N GLY B 166 3.77 -22.08 -2.64
CA GLY B 166 3.03 -21.67 -3.82
C GLY B 166 3.17 -22.73 -4.89
N ALA B 167 4.16 -23.61 -4.76
CA ALA B 167 4.32 -24.71 -5.73
C ALA B 167 3.14 -25.69 -5.80
N LEU B 168 2.38 -25.83 -4.73
CA LEU B 168 1.19 -26.72 -4.79
C LEU B 168 -0.11 -25.92 -4.64
N THR B 169 -0.92 -25.91 -5.68
CA THR B 169 -2.16 -25.12 -5.68
C THR B 169 -3.32 -26.01 -6.08
N SER B 170 -3.03 -27.04 -6.88
CA SER B 170 -4.06 -27.98 -7.31
C SER B 170 -4.40 -28.84 -6.10
N GLY B 171 -5.69 -29.09 -5.87
CA GLY B 171 -6.08 -29.91 -4.70
C GLY B 171 -6.21 -29.17 -3.37
N VAL B 172 -5.93 -27.87 -3.39
CA VAL B 172 -5.98 -27.01 -2.16
C VAL B 172 -7.35 -26.41 -1.92
N HIS B 173 -7.90 -26.62 -0.72
CA HIS B 173 -9.16 -25.96 -0.32
C HIS B 173 -8.88 -25.22 1.00
N THR B 174 -8.86 -23.90 0.96
CA THR B 174 -8.62 -23.11 2.17
C THR B 174 -10.01 -22.59 2.54
N PHE B 175 -10.42 -22.83 3.77
CA PHE B 175 -11.79 -22.54 4.13
C PHE B 175 -11.85 -21.10 4.74
N PRO B 176 -12.96 -20.34 4.48
CA PRO B 176 -13.18 -19.07 5.17
C PRO B 176 -13.08 -19.21 6.69
N ALA B 177 -12.62 -18.16 7.35
CA ALA B 177 -12.31 -18.24 8.77
C ALA B 177 -13.58 -18.27 9.63
N VAL B 178 -13.49 -18.90 10.81
CA VAL B 178 -14.53 -18.75 11.84
C VAL B 178 -14.13 -17.59 12.79
N LEU B 179 -15.08 -16.71 13.10
CA LEU B 179 -14.93 -15.72 14.16
C LEU B 179 -15.39 -16.29 15.51
N GLN B 180 -14.46 -16.56 16.42
CA GLN B 180 -14.85 -17.20 17.66
C GLN B 180 -15.44 -16.16 18.66
N SER B 181 -15.89 -16.61 19.84
CA SER B 181 -16.44 -15.70 20.88
C SER B 181 -15.33 -14.84 21.48
N SER B 182 -14.13 -15.41 21.59
CA SER B 182 -12.94 -14.68 21.99
C SER B 182 -12.70 -13.43 21.13
N GLY B 183 -13.41 -13.33 20.00
CA GLY B 183 -13.16 -12.30 19.02
C GLY B 183 -11.93 -12.58 18.16
N LEU B 184 -11.35 -13.78 18.26
CA LEU B 184 -10.17 -14.16 17.46
C LEU B 184 -10.61 -15.09 16.32
N TYR B 185 -9.92 -15.07 15.17
CA TYR B 185 -10.30 -15.93 14.05
C TYR B 185 -9.49 -17.20 13.98
N SER B 186 -10.03 -18.18 13.26
CA SER B 186 -9.35 -19.45 13.00
C SER B 186 -9.71 -19.88 11.61
N LEU B 187 -8.81 -20.54 10.90
CA LEU B 187 -9.27 -21.18 9.64
C LEU B 187 -8.50 -22.45 9.42
N SER B 188 -8.89 -23.16 8.37
CA SER B 188 -8.21 -24.41 8.02
C SER B 188 -7.94 -24.45 6.54
N SER B 189 -6.87 -25.13 6.14
CA SER B 189 -6.59 -25.29 4.72
C SER B 189 -6.22 -26.74 4.59
N VAL B 190 -6.84 -27.40 3.63
CA VAL B 190 -6.60 -28.84 3.44
C VAL B 190 -6.12 -29.01 2.02
N VAL B 191 -5.19 -29.93 1.82
CA VAL B 191 -4.81 -30.30 0.45
C VAL B 191 -5.07 -31.81 0.28
N THR B 192 -5.61 -32.21 -0.87
CA THR B 192 -5.77 -33.65 -1.19
C THR B 192 -4.68 -34.12 -2.11
N VAL B 193 -4.12 -35.29 -1.80
CA VAL B 193 -2.91 -35.70 -2.50
C VAL B 193 -3.00 -37.18 -2.65
N PRO B 194 -2.15 -37.77 -3.52
CA PRO B 194 -2.16 -39.22 -3.62
C PRO B 194 -1.73 -39.80 -2.26
N SER B 195 -2.46 -40.77 -1.80
CA SER B 195 -2.08 -41.46 -0.57
C SER B 195 -0.66 -42.03 -0.66
N SER B 196 -0.30 -42.58 -1.83
CA SER B 196 1.00 -43.20 -2.05
C SER B 196 2.11 -42.21 -1.95
N SER B 197 1.80 -40.94 -2.10
CA SER B 197 2.75 -39.87 -1.92
C SER B 197 3.12 -39.59 -0.45
N LEU B 198 2.39 -40.15 0.51
CA LEU B 198 2.59 -39.73 1.91
C LEU B 198 3.91 -40.26 2.39
N GLY B 199 4.67 -39.46 3.12
CA GLY B 199 6.05 -39.93 3.40
C GLY B 199 7.10 -40.27 2.31
N THR B 200 6.85 -40.00 1.02
CA THR B 200 7.99 -39.68 0.10
C THR B 200 7.98 -38.23 -0.30
N GLN B 201 6.80 -37.61 -0.33
CA GLN B 201 6.72 -36.17 -0.67
C GLN B 201 6.52 -35.35 0.61
N THR B 202 7.04 -34.13 0.60
CA THR B 202 6.81 -33.26 1.76
C THR B 202 5.78 -32.15 1.47
N TYR B 203 5.02 -31.84 2.53
CA TYR B 203 3.89 -30.89 2.47
C TYR B 203 4.04 -29.95 3.66
N ILE B 204 4.29 -28.70 3.32
CA ILE B 204 4.55 -27.63 4.26
C ILE B 204 3.52 -26.58 3.97
N CYS B 205 2.77 -26.19 4.98
CA CYS B 205 1.89 -25.06 4.75
C CYS B 205 2.60 -23.76 5.18
N ASN B 206 2.42 -22.70 4.37
CA ASN B 206 3.01 -21.40 4.63
C ASN B 206 1.84 -20.50 4.98
N VAL B 207 1.92 -19.93 6.18
CA VAL B 207 0.81 -19.12 6.70
C VAL B 207 1.39 -17.70 6.92
N ASN B 208 0.81 -16.72 6.20
CA ASN B 208 1.21 -15.29 6.21
C ASN B 208 0.14 -14.44 6.86
N HIS B 209 0.54 -13.63 7.84
CA HIS B 209 -0.37 -12.68 8.50
C HIS B 209 0.31 -11.33 8.58
N LYS B 210 -0.03 -10.45 7.64
CA LYS B 210 0.68 -9.14 7.56
C LYS B 210 0.55 -8.30 8.82
N PRO B 211 -0.67 -8.20 9.38
CA PRO B 211 -0.78 -7.38 10.58
C PRO B 211 0.22 -7.64 11.69
N SER B 212 0.64 -8.90 11.90
CA SER B 212 1.44 -9.22 13.06
C SER B 212 2.85 -9.49 12.56
N ASN B 213 3.06 -9.14 11.30
CA ASN B 213 4.24 -9.49 10.56
C ASN B 213 4.64 -10.97 10.77
N THR B 214 3.69 -11.89 10.57
CA THR B 214 3.94 -13.31 10.87
C THR B 214 4.01 -14.10 9.59
N LYS B 215 5.02 -14.94 9.53
CA LYS B 215 5.21 -15.84 8.39
C LYS B 215 5.66 -17.17 8.95
N VAL B 216 4.78 -18.17 8.91
CA VAL B 216 5.03 -19.47 9.56
C VAL B 216 4.93 -20.61 8.56
N ASP B 217 5.97 -21.43 8.48
CA ASP B 217 5.94 -22.73 7.77
C ASP B 217 5.66 -23.86 8.73
N LYS B 218 4.77 -24.76 8.35
CA LYS B 218 4.52 -25.95 9.17
C LYS B 218 4.58 -27.19 8.31
N LYS B 219 5.50 -28.11 8.64
CA LYS B 219 5.56 -29.41 7.91
C LYS B 219 4.45 -30.31 8.35
N VAL B 220 3.71 -30.87 7.41
CA VAL B 220 2.60 -31.74 7.81
C VAL B 220 2.93 -33.19 7.49
N GLU B 221 3.15 -34.00 8.52
CA GLU B 221 3.55 -35.40 8.23
C GLU B 221 2.57 -36.47 8.74
N PRO B 222 2.61 -37.70 8.15
CA PRO B 222 1.78 -38.81 8.68
C PRO B 222 2.13 -39.13 10.13
N SER C 1 16.44 -3.41 16.08
CA SER C 1 16.70 -2.39 15.01
C SER C 1 16.85 -3.07 13.66
N TYR C 2 17.04 -2.28 12.60
CA TYR C 2 16.93 -2.83 11.24
C TYR C 2 17.62 -2.03 10.13
N GLU C 3 18.43 -2.74 9.34
CA GLU C 3 19.02 -2.21 8.11
C GLU C 3 18.95 -3.22 6.98
N LEU C 4 18.79 -2.70 5.76
CA LEU C 4 18.65 -3.48 4.52
C LEU C 4 19.75 -3.05 3.54
N THR C 5 20.37 -4.00 2.86
CA THR C 5 21.55 -3.66 2.07
C THR C 5 21.48 -4.17 0.63
N GLN C 6 21.79 -3.26 -0.27
CA GLN C 6 21.68 -3.51 -1.69
C GLN C 6 23.02 -3.21 -2.38
N PRO C 7 23.38 -3.98 -3.41
CA PRO C 7 24.55 -3.57 -4.19
C PRO C 7 24.31 -2.18 -4.80
N PRO C 8 25.31 -1.29 -4.77
CA PRO C 8 25.20 0.06 -5.34
C PRO C 8 24.80 0.12 -6.82
N SER C 9 25.20 -0.89 -7.59
CA SER C 9 24.93 -0.90 -9.03
C SER C 9 24.96 -2.31 -9.60
N VAL C 10 24.22 -2.52 -10.69
CA VAL C 10 24.12 -3.82 -11.37
C VAL C 10 24.00 -3.48 -12.85
N SER C 11 24.83 -4.13 -13.67
CA SER C 11 24.83 -3.95 -15.12
C SER C 11 24.29 -5.23 -15.75
N VAL C 12 23.55 -5.07 -16.85
CA VAL C 12 22.97 -6.20 -17.59
C VAL C 12 22.83 -5.80 -19.05
N ALA C 13 23.19 -6.70 -19.96
CA ALA C 13 23.05 -6.51 -21.41
C ALA C 13 21.57 -6.53 -21.84
N PRO C 14 21.17 -5.63 -22.75
CA PRO C 14 19.74 -5.65 -23.09
C PRO C 14 19.32 -7.06 -23.55
N GLY C 15 18.34 -7.65 -22.88
CA GLY C 15 17.95 -9.04 -23.15
C GLY C 15 18.38 -10.00 -22.05
N GLN C 16 19.52 -9.74 -21.39
CA GLN C 16 19.88 -10.52 -20.20
C GLN C 16 18.79 -10.29 -19.12
N THR C 17 18.73 -11.19 -18.13
CA THR C 17 17.88 -10.98 -16.96
C THR C 17 18.71 -10.31 -15.88
N ALA C 18 18.07 -9.39 -15.17
CA ALA C 18 18.72 -8.70 -14.06
C ALA C 18 18.24 -9.24 -12.72
N ARG C 19 19.16 -9.25 -11.75
CA ARG C 19 18.87 -9.69 -10.39
C ARG C 19 19.43 -8.63 -9.41
N ILE C 20 18.55 -8.01 -8.63
CA ILE C 20 18.98 -7.07 -7.57
C ILE C 20 18.61 -7.64 -6.21
N SER C 21 19.60 -7.78 -5.33
CA SER C 21 19.38 -8.46 -4.07
C SER C 21 19.15 -7.44 -2.95
N CYS C 22 18.62 -7.91 -1.83
CA CYS C 22 18.32 -7.05 -0.70
C CYS C 22 18.44 -7.87 0.56
N SER C 23 19.38 -7.49 1.41
CA SER C 23 19.78 -8.31 2.55
C SER C 23 19.47 -7.70 3.89
N GLY C 24 18.96 -8.53 4.79
CA GLY C 24 18.77 -8.10 6.14
C GLY C 24 18.46 -9.25 7.07
N ASP C 25 18.63 -9.00 8.36
CA ASP C 25 18.34 -9.95 9.42
C ASP C 25 16.86 -10.28 9.48
N ASN C 26 16.54 -11.50 9.04
CA ASN C 26 15.18 -11.96 9.03
C ASN C 26 14.30 -11.04 8.15
N ILE C 27 14.79 -10.71 6.96
CA ILE C 27 13.98 -10.03 5.96
C ILE C 27 12.94 -11.01 5.43
N GLY C 28 13.19 -12.29 5.68
CA GLY C 28 12.31 -13.36 5.25
C GLY C 28 11.02 -13.44 6.05
N GLY C 29 11.05 -12.93 7.28
CA GLY C 29 9.86 -12.79 8.11
C GLY C 29 9.03 -11.50 7.91
N THR C 30 9.35 -10.71 6.88
CA THR C 30 8.64 -9.44 6.58
C THR C 30 8.19 -9.49 5.14
N PHE C 31 7.40 -8.50 4.70
CA PHE C 31 6.82 -8.53 3.37
C PHE C 31 7.40 -7.40 2.53
N VAL C 32 8.17 -7.76 1.51
CA VAL C 32 9.06 -6.84 0.82
C VAL C 32 8.38 -6.18 -0.39
N SER C 33 8.65 -4.89 -0.54
CA SER C 33 8.25 -4.12 -1.69
C SER C 33 9.47 -3.64 -2.47
N TRP C 34 9.26 -3.39 -3.77
CA TRP C 34 10.30 -2.86 -4.65
C TRP C 34 9.75 -1.70 -5.39
N TYR C 35 10.64 -0.70 -5.54
CA TYR C 35 10.30 0.58 -6.16
C TYR C 35 11.31 0.87 -7.21
N GLN C 36 10.81 1.35 -8.33
CA GLN C 36 11.66 1.79 -9.42
C GLN C 36 11.65 3.34 -9.43
N GLN C 37 12.82 3.95 -9.57
CA GLN C 37 12.88 5.44 -9.65
C GLN C 37 13.76 5.86 -10.81
N LYS C 38 13.18 6.50 -11.80
CA LYS C 38 13.98 7.11 -12.87
C LYS C 38 14.49 8.50 -12.45
N PRO C 39 15.59 9.00 -13.10
CA PRO C 39 16.16 10.36 -12.86
C PRO C 39 15.13 11.48 -12.99
N GLY C 40 15.04 12.31 -11.96
CA GLY C 40 14.06 13.39 -11.96
C GLY C 40 12.68 12.98 -11.49
N GLN C 41 12.41 11.67 -11.48
CA GLN C 41 11.09 11.14 -11.15
C GLN C 41 10.97 10.63 -9.70
N ALA C 42 9.72 10.43 -9.27
CA ALA C 42 9.31 9.88 -8.00
C ALA C 42 9.31 8.36 -8.14
N PRO C 43 9.52 7.61 -7.03
CA PRO C 43 9.52 6.14 -7.16
C PRO C 43 8.17 5.56 -7.61
N VAL C 44 8.18 4.37 -8.20
CA VAL C 44 6.91 3.72 -8.55
C VAL C 44 6.98 2.28 -8.03
N LEU C 45 5.90 1.80 -7.44
CA LEU C 45 5.86 0.43 -6.87
C LEU C 45 5.87 -0.57 -8.01
N VAL C 46 6.83 -1.49 -8.05
CA VAL C 46 6.81 -2.55 -9.05
C VAL C 46 6.51 -3.93 -8.47
N ILE C 47 6.80 -4.14 -7.19
CA ILE C 47 6.49 -5.41 -6.53
C ILE C 47 6.09 -5.11 -5.09
N TYR C 48 4.97 -5.68 -4.64
CA TYR C 48 4.58 -5.67 -3.23
C TYR C 48 4.43 -7.08 -2.63
N ASP C 49 4.42 -7.14 -1.30
CA ASP C 49 4.29 -8.38 -0.57
C ASP C 49 5.12 -9.48 -1.20
N ASP C 50 6.41 -9.21 -1.46
CA ASP C 50 7.41 -10.22 -1.93
C ASP C 50 7.45 -10.49 -3.43
N ASN C 51 6.26 -10.71 -3.98
CA ASN C 51 6.10 -11.23 -5.34
C ASN C 51 4.83 -10.84 -6.05
N ASP C 52 4.03 -9.95 -5.47
CA ASP C 52 2.86 -9.45 -6.19
C ASP C 52 3.12 -8.19 -6.99
N ARG C 53 2.53 -8.19 -8.17
CA ARG C 53 2.78 -7.14 -9.13
C ARG C 53 1.52 -6.30 -9.28
N PRO C 54 1.66 -4.96 -9.11
CA PRO C 54 0.58 -3.99 -9.33
C PRO C 54 0.12 -4.07 -10.77
N SER C 55 -1.17 -3.83 -11.01
CA SER C 55 -1.63 -3.88 -12.39
C SER C 55 -0.96 -2.73 -13.11
N GLY C 56 -0.45 -2.99 -14.32
CA GLY C 56 0.26 -1.94 -15.05
C GLY C 56 1.77 -2.08 -15.00
N ILE C 57 2.28 -3.06 -14.25
CA ILE C 57 3.69 -3.38 -14.34
C ILE C 57 3.89 -4.58 -15.27
N PRO C 58 4.80 -4.44 -16.26
CA PRO C 58 5.21 -5.56 -17.11
C PRO C 58 5.45 -6.86 -16.35
N GLU C 59 5.08 -7.98 -16.98
CA GLU C 59 5.24 -9.35 -16.44
C GLU C 59 6.71 -9.79 -16.34
N ARG C 60 7.61 -9.01 -16.93
CA ARG C 60 9.08 -9.24 -16.81
C ARG C 60 9.61 -9.11 -15.37
N PHE C 61 8.93 -8.31 -14.55
CA PHE C 61 9.30 -8.10 -13.15
C PHE C 61 8.74 -9.17 -12.23
N SER C 62 9.58 -9.76 -11.39
CA SER C 62 9.07 -10.67 -10.39
C SER C 62 9.95 -10.56 -9.17
N GLY C 63 9.44 -11.02 -8.03
CA GLY C 63 10.25 -11.04 -6.83
C GLY C 63 10.08 -12.27 -5.98
N SER C 64 11.12 -12.56 -5.21
CA SER C 64 11.20 -13.67 -4.31
C SER C 64 11.72 -13.15 -2.98
N ASN C 65 11.46 -13.90 -1.91
CA ASN C 65 11.92 -13.52 -0.58
C ASN C 65 12.07 -14.76 0.28
N SER C 66 13.24 -14.89 0.92
CA SER C 66 13.61 -16.09 1.72
C SER C 66 14.77 -15.80 2.68
N GLY C 67 14.53 -16.04 3.97
CA GLY C 67 15.56 -15.94 5.01
C GLY C 67 16.17 -14.56 5.25
N ASN C 68 17.28 -14.30 4.54
CA ASN C 68 18.03 -13.06 4.71
C ASN C 68 18.22 -12.27 3.40
N THR C 69 17.52 -12.70 2.35
CA THR C 69 17.67 -12.11 1.02
C THR C 69 16.36 -12.03 0.25
N ALA C 70 16.07 -10.85 -0.28
CA ALA C 70 14.97 -10.71 -1.23
C ALA C 70 15.55 -10.33 -2.59
N THR C 71 14.90 -10.74 -3.69
CA THR C 71 15.47 -10.48 -5.04
C THR C 71 14.41 -9.94 -5.97
N LEU C 72 14.78 -8.94 -6.75
CA LEU C 72 13.93 -8.42 -7.81
C LEU C 72 14.48 -9.00 -9.11
N THR C 73 13.65 -9.71 -9.85
CA THR C 73 14.08 -10.31 -11.10
C THR C 73 13.42 -9.61 -12.26
N ILE C 74 14.23 -9.11 -13.18
CA ILE C 74 13.72 -8.57 -14.41
C ILE C 74 14.21 -9.54 -15.51
N SER C 75 13.26 -10.14 -16.24
CA SER C 75 13.55 -11.04 -17.35
C SER C 75 13.62 -10.23 -18.64
N GLY C 76 14.53 -10.63 -19.53
CA GLY C 76 14.74 -9.96 -20.82
C GLY C 76 14.68 -8.46 -20.65
N THR C 77 15.67 -7.92 -19.95
CA THR C 77 15.60 -6.50 -19.49
C THR C 77 15.80 -5.53 -20.64
N GLN C 78 14.83 -4.64 -20.86
CA GLN C 78 14.94 -3.61 -21.89
C GLN C 78 15.49 -2.28 -21.38
N ALA C 79 15.75 -1.36 -22.31
CA ALA C 79 16.37 -0.08 -21.99
C ALA C 79 15.56 0.64 -20.92
N GLU C 80 14.23 0.52 -21.01
CA GLU C 80 13.36 1.32 -20.16
C GLU C 80 13.36 0.86 -18.68
N ASP C 81 14.06 -0.24 -18.38
CA ASP C 81 14.19 -0.72 -17.00
C ASP C 81 15.39 -0.12 -16.30
N GLU C 82 16.08 0.79 -16.99
CA GLU C 82 17.25 1.49 -16.45
C GLU C 82 16.70 2.44 -15.44
N ALA C 83 17.14 2.29 -14.20
CA ALA C 83 16.61 3.10 -13.11
C ALA C 83 17.43 2.81 -11.89
N ASP C 84 17.11 3.52 -10.81
CA ASP C 84 17.44 3.10 -9.45
C ASP C 84 16.30 2.25 -8.89
N TYR C 85 16.66 1.17 -8.15
CA TYR C 85 15.70 0.28 -7.54
C TYR C 85 15.94 0.20 -6.06
N TYR C 86 14.87 0.32 -5.27
CA TYR C 86 14.96 0.32 -3.80
C TYR C 86 14.08 -0.81 -3.29
N CYS C 87 14.58 -1.62 -2.35
CA CYS C 87 13.70 -2.54 -1.69
C CYS C 87 13.22 -1.85 -0.41
N GLY C 88 12.09 -2.27 0.10
CA GLY C 88 11.60 -1.73 1.37
C GLY C 88 10.87 -2.79 2.12
N THR C 89 10.69 -2.51 3.40
CA THR C 89 10.09 -3.42 4.35
C THR C 89 9.37 -2.58 5.43
N TRP C 90 8.37 -3.17 6.10
CA TRP C 90 7.81 -2.65 7.32
C TRP C 90 8.06 -3.68 8.42
N ASP C 91 8.31 -3.18 9.64
CA ASP C 91 8.47 -3.97 10.85
C ASP C 91 7.82 -3.19 11.96
N MET C 92 7.37 -3.85 13.03
CA MET C 92 6.59 -3.11 14.07
C MET C 92 7.52 -2.21 14.84
N VAL C 93 8.80 -2.56 14.84
CA VAL C 93 9.73 -1.87 15.71
C VAL C 93 10.32 -0.65 15.01
N THR C 94 10.66 -0.81 13.71
CA THR C 94 11.24 0.29 12.91
C THR C 94 10.40 0.89 11.80
N ASN C 95 9.13 0.52 11.68
CA ASN C 95 8.27 1.05 10.65
C ASN C 95 8.84 0.89 9.25
N ASN C 96 8.64 1.84 8.32
CA ASN C 96 9.16 1.65 6.92
C ASN C 96 10.66 1.83 6.80
N VAL C 97 11.36 0.87 6.23
CA VAL C 97 12.81 0.91 6.06
C VAL C 97 13.12 0.66 4.59
N PHE C 98 14.07 1.37 4.02
CA PHE C 98 14.45 1.11 2.64
C PHE C 98 15.91 0.65 2.61
N GLY C 99 16.28 -0.14 1.60
CA GLY C 99 17.69 -0.39 1.35
C GLY C 99 18.31 0.78 0.60
N GLY C 100 19.65 0.83 0.61
CA GLY C 100 20.40 1.93 0.01
C GLY C 100 20.14 2.30 -1.43
N GLY C 101 19.58 1.38 -2.20
CA GLY C 101 19.33 1.68 -3.61
C GLY C 101 20.29 0.94 -4.52
N THR C 102 19.88 0.71 -5.76
CA THR C 102 20.72 0.07 -6.75
C THR C 102 20.50 0.76 -8.03
N LYS C 103 21.57 1.21 -8.66
CA LYS C 103 21.45 1.75 -9.99
C LYS C 103 21.55 0.62 -11.03
N LEU C 104 20.54 0.49 -11.88
CA LEU C 104 20.58 -0.53 -12.93
C LEU C 104 20.93 0.14 -14.24
N THR C 105 21.99 -0.36 -14.84
CA THR C 105 22.40 0.09 -16.15
C THR C 105 22.13 -1.08 -17.12
N VAL C 106 21.36 -0.80 -18.16
CA VAL C 106 21.08 -1.76 -19.21
C VAL C 106 22.05 -1.46 -20.36
N LEU C 107 22.93 -2.44 -20.60
CA LEU C 107 24.22 -2.38 -21.32
C LEU C 107 25.36 -1.80 -20.49
N GLY C 108 26.22 -2.70 -19.99
CA GLY C 108 27.50 -2.29 -19.42
C GLY C 108 28.62 -2.44 -20.45
N GLN C 109 28.23 -2.48 -21.73
CA GLN C 109 29.11 -2.92 -22.81
C GLN C 109 30.04 -1.88 -23.50
N PRO C 110 29.54 -0.63 -23.80
CA PRO C 110 30.50 0.31 -24.38
C PRO C 110 31.14 1.10 -23.25
N LYS C 111 31.74 0.35 -22.32
CA LYS C 111 32.55 0.90 -21.24
C LYS C 111 33.52 1.95 -21.74
N ALA C 112 33.50 3.08 -21.06
CA ALA C 112 34.44 4.14 -21.28
C ALA C 112 35.02 4.57 -19.95
N ALA C 113 36.35 4.62 -19.92
CA ALA C 113 37.08 5.24 -18.83
C ALA C 113 36.73 6.72 -18.75
N PRO C 114 36.78 7.29 -17.54
CA PRO C 114 36.68 8.73 -17.37
C PRO C 114 37.94 9.49 -17.79
N SER C 115 37.77 10.64 -18.45
CA SER C 115 38.86 11.60 -18.63
C SER C 115 38.83 12.53 -17.42
N VAL C 116 39.95 12.61 -16.73
CA VAL C 116 40.06 13.46 -15.59
C VAL C 116 40.87 14.67 -15.99
N THR C 117 40.35 15.86 -15.67
CA THR C 117 41.05 17.12 -15.81
C THR C 117 41.10 17.81 -14.42
N LEU C 118 42.29 18.24 -14.04
CA LEU C 118 42.55 18.69 -12.69
C LEU C 118 43.23 20.04 -12.77
N PHE C 119 42.52 21.08 -12.29
CA PHE C 119 43.04 22.42 -12.23
C PHE C 119 43.53 22.66 -10.80
N PRO C 120 44.72 23.28 -10.65
CA PRO C 120 45.14 23.68 -9.31
C PRO C 120 44.55 25.07 -9.05
N PRO C 121 44.77 25.66 -7.85
CA PRO C 121 44.33 27.02 -7.54
C PRO C 121 44.91 28.08 -8.47
N SER C 122 44.05 28.99 -8.91
CA SER C 122 44.45 30.17 -9.68
C SER C 122 45.23 31.11 -8.78
N SER C 123 46.07 31.93 -9.41
CA SER C 123 46.84 32.96 -8.76
C SER C 123 45.93 34.08 -8.30
N GLU C 124 44.66 34.04 -8.71
CA GLU C 124 43.68 35.00 -8.20
C GLU C 124 43.03 34.48 -6.93
N GLU C 125 42.76 33.18 -6.86
CA GLU C 125 42.17 32.59 -5.65
C GLU C 125 43.14 32.70 -4.46
N LEU C 126 44.42 32.48 -4.73
CA LEU C 126 45.46 32.53 -3.72
C LEU C 126 45.67 33.98 -3.29
N GLN C 127 45.73 34.94 -4.23
CA GLN C 127 45.86 36.37 -3.86
C GLN C 127 44.70 36.91 -2.99
N ALA C 128 43.82 36.01 -2.53
CA ALA C 128 42.67 36.36 -1.75
C ALA C 128 42.59 35.31 -0.68
N ASN C 129 43.73 34.68 -0.42
CA ASN C 129 43.86 33.72 0.68
C ASN C 129 42.83 32.61 0.57
N LYS C 130 42.74 32.02 -0.63
CA LYS C 130 41.94 30.81 -0.76
C LYS C 130 42.62 29.79 -1.69
N ALA C 131 42.14 28.55 -1.57
CA ALA C 131 42.56 27.47 -2.46
C ALA C 131 41.43 26.49 -2.73
N THR C 132 41.16 26.28 -4.02
CA THR C 132 40.33 25.17 -4.46
C THR C 132 41.09 24.37 -5.53
N LEU C 133 40.98 23.04 -5.39
CA LEU C 133 41.31 22.11 -6.44
C LEU C 133 40.02 21.66 -7.07
N VAL C 134 40.05 21.67 -8.40
CA VAL C 134 38.89 21.37 -9.21
C VAL C 134 39.22 20.19 -10.11
N CYS C 135 38.54 19.09 -9.87
CA CYS C 135 38.65 17.88 -10.64
C CYS C 135 37.40 17.73 -11.48
N LEU C 136 37.56 17.90 -12.80
CA LEU C 136 36.48 17.72 -13.74
C LEU C 136 36.62 16.33 -14.33
N ILE C 137 35.57 15.55 -14.25
CA ILE C 137 35.64 14.14 -14.58
C ILE C 137 34.58 13.92 -15.64
N SER C 138 34.99 13.39 -16.78
CA SER C 138 34.10 13.37 -17.94
C SER C 138 34.09 12.08 -18.76
N ASP C 139 33.04 11.96 -19.55
CA ASP C 139 32.92 10.91 -20.56
C ASP C 139 33.14 9.52 -20.00
N PHE C 140 32.55 9.19 -18.85
CA PHE C 140 32.59 7.76 -18.41
C PHE C 140 31.26 7.10 -18.56
N TYR C 141 31.33 5.79 -18.78
CA TYR C 141 30.16 4.93 -18.89
C TYR C 141 30.52 3.51 -18.44
N PRO C 142 29.60 2.85 -17.71
CA PRO C 142 28.47 3.42 -16.93
C PRO C 142 28.88 4.47 -15.87
N GLY C 143 27.88 5.16 -15.30
CA GLY C 143 28.04 6.32 -14.39
C GLY C 143 28.76 6.10 -13.06
N ALA C 144 28.62 4.91 -12.50
CA ALA C 144 29.32 4.55 -11.27
C ALA C 144 30.73 5.11 -11.26
N VAL C 145 31.00 6.01 -10.33
CA VAL C 145 32.34 6.56 -10.15
C VAL C 145 32.67 6.77 -8.68
N THR C 146 33.97 6.80 -8.38
CA THR C 146 34.44 7.02 -7.02
C THR C 146 35.66 7.89 -7.08
N VAL C 147 35.73 8.84 -6.15
CA VAL C 147 36.78 9.83 -6.19
C VAL C 147 37.47 9.83 -4.88
N ALA C 148 38.76 9.62 -4.95
CA ALA C 148 39.60 9.73 -3.79
C ALA C 148 40.49 10.90 -4.04
N TRP C 149 40.79 11.61 -2.96
CA TRP C 149 41.66 12.74 -3.02
C TRP C 149 42.85 12.38 -2.17
N LYS C 150 44.04 12.69 -2.65
CA LYS C 150 45.23 12.46 -1.85
C LYS C 150 46.13 13.67 -1.78
N ALA C 151 46.54 13.97 -0.55
CA ALA C 151 47.65 14.85 -0.30
C ALA C 151 48.81 13.90 0.04
N ASP C 152 49.96 14.14 -0.61
CA ASP C 152 51.11 13.23 -0.58
C ASP C 152 50.71 11.80 -0.22
N SER C 153 50.18 11.08 -1.20
CA SER C 153 49.81 9.67 -1.06
C SER C 153 48.68 9.37 -0.03
N SER C 154 48.60 10.19 1.01
CA SER C 154 47.66 9.98 2.12
C SER C 154 46.28 10.61 1.87
N PRO C 155 45.20 9.84 2.15
CA PRO C 155 43.78 10.18 1.91
C PRO C 155 43.26 11.43 2.65
N VAL C 156 42.28 12.10 2.06
CA VAL C 156 41.69 13.33 2.59
C VAL C 156 40.19 13.33 2.27
N LYS C 157 39.34 13.27 3.30
CA LYS C 157 37.87 13.38 3.10
C LYS C 157 37.32 14.79 3.40
N ALA C 158 37.87 15.44 4.43
CA ALA C 158 37.49 16.81 4.80
C ALA C 158 38.01 17.81 3.77
N GLY C 159 37.12 18.65 3.27
CA GLY C 159 37.45 19.59 2.20
C GLY C 159 36.94 19.10 0.85
N VAL C 160 36.46 17.85 0.82
CA VAL C 160 35.98 17.24 -0.41
C VAL C 160 34.50 17.43 -0.56
N GLU C 161 34.12 17.90 -1.74
CA GLU C 161 32.76 17.79 -2.17
C GLU C 161 32.81 17.21 -3.56
N THR C 162 31.90 16.31 -3.85
CA THR C 162 31.88 15.61 -5.10
C THR C 162 30.46 15.54 -5.60
N THR C 163 30.23 15.90 -6.86
CA THR C 163 28.88 15.85 -7.37
C THR C 163 28.53 14.43 -7.82
N THR C 164 27.25 14.08 -7.66
CA THR C 164 26.71 12.82 -8.14
C THR C 164 26.72 12.87 -9.67
N PRO C 165 27.23 11.81 -10.31
CA PRO C 165 27.39 11.74 -11.75
C PRO C 165 26.20 12.25 -12.55
N SER C 166 26.31 13.47 -13.05
CA SER C 166 25.33 14.01 -13.98
C SER C 166 25.47 13.33 -15.34
N LYS C 167 24.41 13.39 -16.14
CA LYS C 167 24.48 12.85 -17.50
C LYS C 167 24.79 13.94 -18.52
N GLN C 168 25.81 13.68 -19.34
CA GLN C 168 26.19 14.52 -20.46
C GLN C 168 25.21 14.33 -21.63
N SER C 169 25.24 15.27 -22.57
CA SER C 169 24.47 15.19 -23.82
C SER C 169 24.75 13.91 -24.62
N ASN C 170 26.02 13.46 -24.58
CA ASN C 170 26.45 12.26 -25.34
C ASN C 170 26.20 10.93 -24.61
N ASN C 171 25.41 11.00 -23.54
CA ASN C 171 24.95 9.82 -22.76
C ASN C 171 25.99 9.09 -21.91
N LYS C 172 27.20 9.65 -21.86
CA LYS C 172 28.16 9.26 -20.84
C LYS C 172 27.94 10.21 -19.68
N TYR C 173 28.82 10.15 -18.70
CA TYR C 173 28.63 10.86 -17.49
C TYR C 173 29.84 11.75 -17.20
N ALA C 174 29.60 12.75 -16.34
CA ALA C 174 30.56 13.72 -15.90
C ALA C 174 30.27 13.93 -14.46
N ALA C 175 31.31 14.23 -13.70
CA ALA C 175 31.10 14.63 -12.34
C ALA C 175 32.25 15.55 -12.07
N SER C 176 32.24 16.17 -10.90
CA SER C 176 33.15 17.19 -10.57
C SER C 176 33.46 16.94 -9.12
N SER C 177 34.68 17.26 -8.71
CA SER C 177 35.01 17.08 -7.34
C SER C 177 35.92 18.22 -6.94
N TYR C 178 35.70 18.67 -5.71
CA TYR C 178 36.39 19.84 -5.20
C TYR C 178 36.98 19.55 -3.86
N LEU C 179 38.18 20.11 -3.69
CA LEU C 179 38.93 20.06 -2.49
C LEU C 179 39.34 21.46 -2.11
N SER C 180 38.66 21.95 -1.09
CA SER C 180 38.89 23.27 -0.52
C SER C 180 40.02 23.19 0.51
N LEU C 181 40.98 24.08 0.40
CA LEU C 181 42.14 24.08 1.31
C LEU C 181 42.41 25.48 1.85
N THR C 182 43.41 25.61 2.72
CA THR C 182 44.00 26.91 2.97
C THR C 182 45.16 27.09 1.95
N PRO C 183 45.57 28.35 1.65
CA PRO C 183 46.77 28.52 0.79
C PRO C 183 48.07 28.06 1.44
N GLU C 184 48.05 27.87 2.75
CA GLU C 184 49.22 27.34 3.48
C GLU C 184 49.28 25.80 3.35
N GLN C 185 48.15 25.12 3.58
CA GLN C 185 48.02 23.71 3.27
C GLN C 185 48.50 23.35 1.85
N TRP C 186 47.87 23.94 0.83
CA TRP C 186 48.31 23.70 -0.58
C TRP C 186 49.84 23.70 -0.73
N LYS C 187 50.48 24.77 -0.24
CA LYS C 187 51.89 25.05 -0.50
C LYS C 187 52.88 24.17 0.27
N SER C 188 52.55 23.85 1.52
CA SER C 188 53.41 23.03 2.37
C SER C 188 53.66 21.64 1.74
N HIS C 189 52.60 20.81 1.66
CA HIS C 189 52.64 19.55 0.89
C HIS C 189 53.08 19.82 -0.55
N ARG C 190 53.70 18.85 -1.21
CA ARG C 190 54.24 19.15 -2.54
C ARG C 190 53.49 18.57 -3.74
N SER C 191 52.40 17.84 -3.49
CA SER C 191 51.42 17.54 -4.56
C SER C 191 50.10 16.96 -3.99
N TYR C 192 49.07 16.98 -4.83
CA TYR C 192 47.73 16.48 -4.53
C TYR C 192 47.22 15.84 -5.78
N SER C 193 46.29 14.90 -5.62
CA SER C 193 45.71 14.21 -6.77
C SER C 193 44.25 13.74 -6.57
N CYS C 194 43.40 13.89 -7.60
CA CYS C 194 42.14 13.14 -7.62
C CYS C 194 42.43 11.78 -8.27
N GLN C 195 41.63 10.80 -7.86
CA GLN C 195 41.74 9.42 -8.24
C GLN C 195 40.31 8.96 -8.48
N VAL C 196 40.01 8.69 -9.74
CA VAL C 196 38.66 8.29 -10.08
C VAL C 196 38.64 6.80 -10.36
N THR C 197 37.79 6.09 -9.64
CA THR C 197 37.65 4.67 -9.84
C THR C 197 36.32 4.44 -10.52
N HIS C 198 36.42 3.81 -11.69
CA HIS C 198 35.28 3.53 -12.53
C HIS C 198 35.26 2.04 -12.81
N GLU C 199 34.12 1.42 -12.49
CA GLU C 199 33.85 0.01 -12.77
C GLU C 199 35.09 -0.75 -13.23
N GLY C 200 36.00 -1.03 -12.31
CA GLY C 200 37.25 -1.69 -12.65
C GLY C 200 38.45 -1.15 -11.91
N SER C 201 39.04 -0.06 -12.44
CA SER C 201 40.22 0.56 -11.84
C SER C 201 40.25 2.10 -11.93
N THR C 202 41.44 2.67 -11.85
CA THR C 202 41.61 4.08 -11.49
C THR C 202 42.37 4.93 -12.53
N VAL C 203 41.82 6.11 -12.85
CA VAL C 203 42.62 7.20 -13.44
C VAL C 203 43.00 8.24 -12.37
N GLU C 204 44.23 8.72 -12.46
CA GLU C 204 44.79 9.75 -11.57
C GLU C 204 45.39 10.92 -12.36
N LYS C 205 45.25 12.11 -11.80
CA LYS C 205 45.98 13.28 -12.27
C LYS C 205 46.41 13.95 -10.96
N THR C 206 47.60 14.56 -10.94
CA THR C 206 48.17 15.18 -9.74
C THR C 206 48.73 16.55 -10.12
N VAL C 207 48.66 17.48 -9.18
CA VAL C 207 49.13 18.85 -9.42
C VAL C 207 50.06 19.20 -8.27
N ALA C 208 50.97 20.16 -8.49
CA ALA C 208 51.87 20.63 -7.44
C ALA C 208 52.16 22.14 -7.53
N PRO C 209 52.39 22.79 -6.36
CA PRO C 209 52.78 24.21 -6.14
C PRO C 209 53.90 24.77 -7.04
N THR C 210 53.60 25.85 -7.78
CA THR C 210 54.53 26.49 -8.73
C THR C 210 55.14 25.51 -9.76
N GLN D 1 -7.73 8.05 -11.14
CA GLN D 1 -6.30 8.44 -11.32
C GLN D 1 -5.72 9.12 -10.08
N VAL D 2 -4.87 8.37 -9.37
CA VAL D 2 -4.32 8.77 -8.09
C VAL D 2 -3.40 9.98 -8.27
N GLN D 3 -3.71 11.08 -7.59
CA GLN D 3 -2.85 12.28 -7.56
C GLN D 3 -2.49 12.66 -6.13
N LEU D 4 -1.21 12.96 -5.89
CA LEU D 4 -0.70 13.48 -4.65
C LEU D 4 0.15 14.69 -5.03
N VAL D 5 -0.14 15.88 -4.52
CA VAL D 5 0.59 17.04 -4.99
C VAL D 5 1.14 17.76 -3.81
N GLU D 6 2.45 17.73 -3.61
CA GLU D 6 2.98 18.40 -2.45
C GLU D 6 3.37 19.86 -2.70
N SER D 7 3.26 20.68 -1.66
CA SER D 7 3.71 22.05 -1.76
C SER D 7 4.24 22.52 -0.39
N GLY D 8 4.85 23.70 -0.35
CA GLY D 8 5.40 24.22 0.89
C GLY D 8 6.90 24.13 1.11
N GLY D 9 7.62 23.44 0.21
CA GLY D 9 9.07 23.39 0.27
C GLY D 9 9.68 24.79 0.13
N GLY D 10 10.95 24.97 0.45
CA GLY D 10 11.61 26.28 0.38
C GLY D 10 12.86 26.29 1.22
N LEU D 11 13.49 27.47 1.36
CA LEU D 11 14.72 27.53 2.13
C LEU D 11 14.43 27.95 3.53
N VAL D 12 15.17 27.39 4.48
CA VAL D 12 15.05 27.77 5.87
C VAL D 12 16.40 27.59 6.51
N GLN D 13 16.58 28.18 7.68
CA GLN D 13 17.84 28.07 8.42
C GLN D 13 17.71 27.03 9.52
N PRO D 14 18.84 26.48 9.98
CA PRO D 14 18.79 25.51 11.07
C PRO D 14 18.09 26.11 12.25
N GLY D 15 17.15 25.37 12.86
CA GLY D 15 16.33 25.88 13.96
C GLY D 15 15.04 26.46 13.45
N GLY D 16 14.91 26.57 12.14
CA GLY D 16 13.66 27.15 11.56
C GLY D 16 12.49 26.15 11.56
N SER D 17 11.31 26.59 11.12
CA SER D 17 10.09 25.79 10.94
C SER D 17 9.53 25.90 9.52
N LEU D 18 8.85 24.86 9.04
CA LEU D 18 8.24 24.87 7.71
C LEU D 18 7.07 23.92 7.79
N ARG D 19 6.02 24.24 7.03
CA ARG D 19 4.85 23.39 7.01
C ARG D 19 4.63 22.95 5.59
N LEU D 20 4.67 21.65 5.40
CA LEU D 20 4.33 21.03 4.10
C LEU D 20 2.88 20.57 4.03
N SER D 21 2.34 20.54 2.83
CA SER D 21 0.97 20.14 2.57
C SER D 21 0.99 19.22 1.37
N CYS D 22 0.10 18.22 1.34
CA CYS D 22 -0.11 17.42 0.16
C CYS D 22 -1.59 17.35 -0.15
N ALA D 23 -1.98 17.74 -1.37
CA ALA D 23 -3.37 17.65 -1.79
C ALA D 23 -3.58 16.37 -2.59
N ALA D 24 -4.50 15.51 -2.16
CA ALA D 24 -4.70 14.22 -2.80
C ALA D 24 -6.00 14.18 -3.61
N SER D 25 -6.00 13.47 -4.72
CA SER D 25 -7.17 13.34 -5.58
C SER D 25 -7.20 11.91 -6.15
N GLY D 26 -8.36 11.42 -6.53
CA GLY D 26 -8.42 10.20 -7.35
C GLY D 26 -8.63 8.91 -6.58
N PHE D 27 -8.79 9.06 -5.27
CA PHE D 27 -9.04 7.90 -4.43
C PHE D 27 -9.79 8.33 -3.18
N THR D 28 -10.23 7.35 -2.40
CA THR D 28 -10.93 7.70 -1.19
C THR D 28 -9.93 7.89 -0.05
N PHE D 29 -9.51 9.15 0.11
CA PHE D 29 -8.38 9.56 0.98
C PHE D 29 -8.61 8.99 2.35
N ASN D 30 -9.88 9.09 2.75
CA ASN D 30 -10.53 8.55 3.91
C ASN D 30 -10.16 7.12 4.31
N SER D 31 -9.74 6.31 3.35
CA SER D 31 -9.58 4.89 3.69
C SER D 31 -8.13 4.41 3.82
N TYR D 32 -7.17 5.33 3.71
CA TYR D 32 -5.76 4.99 3.50
C TYR D 32 -4.87 5.61 4.55
N TRP D 33 -3.88 4.82 4.96
CA TRP D 33 -2.69 5.31 5.67
C TRP D 33 -1.92 6.20 4.70
N ILE D 34 -1.43 7.39 5.13
CA ILE D 34 -0.57 8.22 4.24
C ILE D 34 0.76 8.56 4.97
N ASN D 35 1.84 8.61 4.20
CA ASN D 35 3.22 8.80 4.64
C ASN D 35 3.89 10.01 4.00
N TRP D 36 4.85 10.57 4.72
CA TRP D 36 5.89 11.38 4.12
C TRP D 36 7.17 10.60 4.08
N VAL D 37 7.90 10.74 2.99
CA VAL D 37 9.16 10.04 2.86
C VAL D 37 10.04 11.05 2.16
N ARG D 38 11.29 11.13 2.55
CA ARG D 38 12.21 12.12 1.97
C ARG D 38 13.41 11.46 1.33
N GLN D 39 14.05 12.16 0.40
CA GLN D 39 15.29 11.74 -0.23
C GLN D 39 16.30 12.90 -0.23
N ALA D 40 17.43 12.80 0.50
CA ALA D 40 18.52 13.79 0.32
C ALA D 40 19.06 13.78 -1.10
N PRO D 41 19.52 14.93 -1.59
CA PRO D 41 20.03 14.97 -2.96
C PRO D 41 21.20 14.00 -3.17
N GLY D 42 21.10 13.18 -4.21
CA GLY D 42 22.07 12.09 -4.45
C GLY D 42 22.03 10.94 -3.45
N LYS D 43 20.94 10.78 -2.74
CA LYS D 43 20.88 9.74 -1.72
C LYS D 43 19.59 8.91 -1.84
N GLY D 44 19.44 7.92 -0.99
CA GLY D 44 18.27 7.03 -1.00
C GLY D 44 17.06 7.54 -0.27
N LEU D 45 16.01 6.71 -0.22
CA LEU D 45 14.75 7.07 0.40
C LEU D 45 14.77 6.87 1.91
N GLU D 46 14.13 7.77 2.64
CA GLU D 46 14.05 7.65 4.09
C GLU D 46 12.67 8.04 4.58
N TRP D 47 12.00 7.11 5.26
CA TRP D 47 10.64 7.29 5.66
C TRP D 47 10.68 8.25 6.83
N VAL D 48 9.71 9.15 6.91
CA VAL D 48 9.75 10.22 7.91
C VAL D 48 8.61 10.05 8.83
N SER D 49 7.42 9.86 8.27
CA SER D 49 6.21 9.87 9.12
C SER D 49 5.00 9.26 8.43
N GLY D 50 4.03 8.84 9.23
CA GLY D 50 2.81 8.25 8.69
C GLY D 50 1.63 8.42 9.58
N ILE D 51 0.45 8.42 8.98
CA ILE D 51 -0.76 8.58 9.77
C ILE D 51 -1.88 7.65 9.25
N ALA D 52 -2.57 6.99 10.19
CA ALA D 52 -3.65 6.01 9.90
C ALA D 52 -4.90 6.65 9.28
N TYR D 53 -5.68 5.83 8.58
CA TYR D 53 -6.87 6.28 7.87
C TYR D 53 -7.73 7.22 8.76
N ASP D 54 -7.89 6.87 10.04
CA ASP D 54 -8.83 7.55 10.93
C ASP D 54 -8.10 8.44 11.96
N SER D 55 -6.83 8.80 11.66
CA SER D 55 -5.92 9.58 12.52
C SER D 55 -5.82 9.07 13.95
N SER D 56 -6.00 7.75 14.14
CA SER D 56 -5.97 7.12 15.43
C SER D 56 -4.53 6.92 15.84
N ASN D 57 -3.65 6.82 14.84
CA ASN D 57 -2.24 6.50 15.08
C ASN D 57 -1.36 7.32 14.14
N THR D 58 -0.26 7.87 14.66
CA THR D 58 0.76 8.53 13.84
C THR D 58 2.08 7.97 14.29
N LEU D 59 3.00 7.82 13.33
CA LEU D 59 4.28 7.26 13.65
C LEU D 59 5.37 8.07 12.97
N TYR D 60 6.52 8.18 13.66
CA TYR D 60 7.67 8.98 13.21
C TYR D 60 8.93 8.23 13.22
N ALA D 61 9.77 8.49 12.22
CA ALA D 61 11.16 8.10 12.23
C ALA D 61 11.81 8.69 13.49
N ASP D 62 12.78 7.99 14.07
CA ASP D 62 13.35 8.44 15.33
C ASP D 62 14.12 9.75 15.16
N SER D 63 14.86 9.88 14.07
CA SER D 63 15.55 11.14 13.70
C SER D 63 14.67 12.39 13.76
N VAL D 64 13.36 12.19 13.69
CA VAL D 64 12.42 13.25 13.38
C VAL D 64 11.41 13.40 14.52
N LYS D 65 11.42 12.41 15.41
CA LYS D 65 10.43 12.34 16.51
C LYS D 65 10.59 13.56 17.44
N GLY D 66 9.46 14.18 17.79
CA GLY D 66 9.48 15.36 18.64
C GLY D 66 9.59 16.68 17.86
N ARG D 67 10.29 16.68 16.73
CA ARG D 67 10.44 17.87 15.86
C ARG D 67 9.36 17.96 14.75
N PHE D 68 8.95 16.81 14.20
CA PHE D 68 7.90 16.80 13.15
C PHE D 68 6.52 16.36 13.64
N THR D 69 5.47 16.91 13.04
CA THR D 69 4.13 16.47 13.39
C THR D 69 3.25 16.30 12.15
N ILE D 70 2.62 15.11 12.02
CA ILE D 70 1.83 14.80 10.83
C ILE D 70 0.37 14.97 11.16
N SER D 71 -0.44 15.45 10.23
CA SER D 71 -1.87 15.49 10.47
C SER D 71 -2.56 15.41 9.14
N ARG D 72 -3.87 15.19 9.14
CA ARG D 72 -4.60 15.08 7.91
C ARG D 72 -5.92 15.75 8.09
N ASP D 73 -6.45 16.27 6.99
CA ASP D 73 -7.77 16.83 6.93
C ASP D 73 -8.53 16.05 5.88
N ASN D 74 -9.41 15.17 6.33
CA ASN D 74 -10.14 14.26 5.44
C ASN D 74 -11.14 14.99 4.58
N SER D 75 -11.83 15.97 5.17
CA SER D 75 -12.71 16.90 4.39
C SER D 75 -12.02 17.57 3.22
N LYS D 76 -10.75 17.96 3.41
CA LYS D 76 -10.01 18.63 2.32
C LYS D 76 -9.14 17.68 1.49
N ASN D 77 -9.06 16.41 1.92
CA ASN D 77 -8.17 15.44 1.26
C ASN D 77 -6.76 15.94 1.28
N THR D 78 -6.34 16.38 2.46
CA THR D 78 -5.00 16.99 2.61
C THR D 78 -4.23 16.44 3.79
N LEU D 79 -2.94 16.20 3.58
CA LEU D 79 -2.04 15.77 4.65
C LEU D 79 -1.09 16.92 4.92
N TYR D 80 -0.68 17.08 6.16
CA TYR D 80 0.27 18.11 6.54
C TYR D 80 1.45 17.48 7.19
N LEU D 81 2.57 18.19 7.10
CA LEU D 81 3.73 17.90 7.89
C LEU D 81 4.25 19.21 8.44
N GLN D 82 4.11 19.37 9.76
CA GLN D 82 4.77 20.49 10.47
C GLN D 82 6.19 20.11 10.88
N MET D 83 7.20 20.78 10.30
CA MET D 83 8.60 20.51 10.60
C MET D 83 9.16 21.63 11.47
N ASN D 84 9.53 21.32 12.71
CA ASN D 84 10.18 22.29 13.59
C ASN D 84 11.62 21.96 13.87
N SER D 85 12.36 22.93 14.40
CA SER D 85 13.74 22.71 14.82
C SER D 85 14.53 22.04 13.74
N LEU D 86 14.43 22.58 12.53
CA LEU D 86 15.06 22.00 11.33
C LEU D 86 16.59 21.87 11.43
N ARG D 87 17.16 20.93 10.70
CA ARG D 87 18.56 20.69 10.89
C ARG D 87 19.13 20.58 9.49
N ALA D 88 20.40 20.86 9.34
CA ALA D 88 21.00 20.75 8.03
C ALA D 88 20.65 19.36 7.44
N GLU D 89 20.67 18.34 8.29
CA GLU D 89 20.44 16.96 7.91
C GLU D 89 19.01 16.73 7.38
N ASP D 90 18.09 17.65 7.60
CA ASP D 90 16.73 17.49 7.07
C ASP D 90 16.51 17.98 5.66
N THR D 91 17.57 18.46 5.04
CA THR D 91 17.56 18.89 3.64
C THR D 91 17.22 17.68 2.72
N ALA D 92 16.26 17.85 1.81
CA ALA D 92 15.81 16.72 0.99
C ALA D 92 14.57 17.10 0.21
N VAL D 93 14.23 16.25 -0.77
CA VAL D 93 12.91 16.27 -1.43
C VAL D 93 12.00 15.43 -0.56
N TYR D 94 10.85 16.01 -0.17
CA TYR D 94 9.82 15.38 0.63
C TYR D 94 8.65 14.94 -0.26
N TYR D 95 8.30 13.66 -0.17
CA TYR D 95 7.23 13.04 -0.93
C TYR D 95 6.12 12.61 -0.01
N CYS D 96 4.89 12.86 -0.45
CA CYS D 96 3.73 12.29 0.10
C CYS D 96 3.58 10.92 -0.58
N ALA D 97 3.24 9.90 0.21
CA ALA D 97 3.08 8.55 -0.35
C ALA D 97 2.00 7.80 0.38
N ARG D 98 1.05 7.35 -0.41
CA ARG D 98 -0.11 6.65 0.06
C ARG D 98 0.31 5.25 0.45
N GLY D 99 -0.17 4.77 1.59
CA GLY D 99 0.11 3.40 2.02
C GLY D 99 -0.71 2.38 1.19
N LEU D 100 -0.40 1.08 1.31
CA LEU D 100 -1.15 0.04 0.62
C LEU D 100 -2.56 -0.11 1.20
N GLY D 101 -2.72 0.25 2.48
CA GLY D 101 -4.05 0.15 3.11
C GLY D 101 -4.18 1.18 4.23
N ALA D 102 -5.03 0.86 5.21
CA ALA D 102 -5.54 1.81 6.19
C ALA D 102 -4.71 1.87 7.49
N PHE D 103 -4.05 0.76 7.86
CA PHE D 103 -3.32 0.62 9.12
C PHE D 103 -1.81 0.58 8.98
N HIS D 104 -1.11 0.71 10.10
CA HIS D 104 0.38 0.76 10.03
C HIS D 104 1.02 -0.40 9.28
N TRP D 105 0.47 -1.62 9.43
CA TRP D 105 1.03 -2.77 8.74
C TRP D 105 0.95 -2.68 7.23
N ASP D 106 0.06 -1.80 6.76
CA ASP D 106 -0.08 -1.60 5.32
C ASP D 106 0.53 -0.28 4.90
N MET D 107 1.42 0.27 5.74
CA MET D 107 2.00 1.63 5.48
C MET D 107 2.92 1.72 4.26
N GLN D 108 3.41 0.58 3.75
CA GLN D 108 4.38 0.64 2.68
C GLN D 108 3.68 1.31 1.54
N PRO D 109 4.34 2.31 0.90
CA PRO D 109 3.87 3.20 -0.19
C PRO D 109 3.51 2.49 -1.47
N ASP D 110 2.41 2.91 -2.10
CA ASP D 110 2.12 2.43 -3.46
C ASP D 110 2.12 3.51 -4.54
N TYR D 111 1.69 4.72 -4.18
CA TYR D 111 1.69 5.88 -5.07
C TYR D 111 2.44 7.02 -4.36
N TRP D 112 3.29 7.71 -5.11
CA TRP D 112 4.13 8.80 -4.61
C TRP D 112 3.85 10.10 -5.37
N GLY D 113 3.93 11.24 -4.69
CA GLY D 113 3.82 12.54 -5.35
C GLY D 113 5.15 12.80 -6.00
N GLN D 114 5.26 13.92 -6.70
CA GLN D 114 6.48 14.28 -7.37
C GLN D 114 7.42 14.95 -6.35
N GLY D 115 6.85 15.45 -5.25
CA GLY D 115 7.74 15.91 -4.15
C GLY D 115 7.94 17.43 -4.05
N THR D 116 8.39 17.92 -2.89
CA THR D 116 8.68 19.36 -2.73
C THR D 116 9.98 19.54 -1.98
N LEU D 117 10.82 20.49 -2.43
CA LEU D 117 12.22 20.61 -1.97
C LEU D 117 12.36 21.46 -0.72
N VAL D 118 13.04 20.91 0.28
CA VAL D 118 13.29 21.61 1.53
C VAL D 118 14.84 21.73 1.65
N THR D 119 15.35 22.97 1.67
CA THR D 119 16.78 23.27 1.90
C THR D 119 16.92 23.96 3.27
N VAL D 120 17.76 23.40 4.13
CA VAL D 120 18.01 23.96 5.48
C VAL D 120 19.47 24.32 5.46
N SER D 121 19.76 25.64 5.49
CA SER D 121 21.11 26.14 5.44
C SER D 121 21.32 27.40 6.29
N SER D 122 22.48 27.58 6.91
CA SER D 122 22.72 28.80 7.71
C SER D 122 23.24 29.98 6.86
N ALA D 123 23.35 29.75 5.55
CA ALA D 123 23.97 30.68 4.66
C ALA D 123 23.11 31.91 4.37
N SER D 124 23.77 33.05 4.36
CA SER D 124 23.18 34.28 3.94
C SER D 124 23.38 34.37 2.40
N THR D 125 22.55 35.12 1.72
CA THR D 125 22.68 35.32 0.29
C THR D 125 24.01 35.98 0.02
N LYS D 126 24.69 35.49 -0.99
CA LYS D 126 26.09 35.84 -1.26
C LYS D 126 26.35 35.57 -2.75
N GLY D 127 26.89 36.57 -3.45
CA GLY D 127 27.31 36.41 -4.84
C GLY D 127 28.61 35.64 -4.94
N PRO D 128 28.80 34.89 -6.04
CA PRO D 128 30.01 34.07 -6.20
C PRO D 128 31.26 34.90 -6.39
N SER D 129 32.39 34.31 -6.05
CA SER D 129 33.65 34.85 -6.45
C SER D 129 33.99 34.07 -7.71
N VAL D 130 34.52 34.73 -8.74
CA VAL D 130 34.70 34.03 -9.99
C VAL D 130 36.18 34.01 -10.39
N PHE D 131 36.72 32.81 -10.65
CA PHE D 131 38.15 32.65 -10.89
C PHE D 131 38.44 32.01 -12.28
N PRO D 132 39.53 32.45 -12.94
CA PRO D 132 39.93 31.67 -14.12
C PRO D 132 40.31 30.23 -13.76
N LEU D 133 39.93 29.28 -14.62
CA LEU D 133 40.47 27.93 -14.59
C LEU D 133 41.28 27.87 -15.87
N ALA D 134 42.51 28.38 -15.78
CA ALA D 134 43.36 28.68 -16.93
C ALA D 134 44.16 27.47 -17.44
N PRO D 135 44.28 27.34 -18.77
CA PRO D 135 45.11 26.26 -19.28
C PRO D 135 46.59 26.69 -19.46
N SER D 136 47.50 25.73 -19.50
CA SER D 136 48.87 26.01 -19.97
C SER D 136 49.14 25.24 -21.27
N SER D 137 50.04 24.26 -21.25
CA SER D 137 50.15 23.28 -22.34
C SER D 137 50.00 21.84 -21.82
N LYS D 138 50.00 21.72 -20.48
CA LYS D 138 49.62 20.50 -19.76
C LYS D 138 48.16 20.13 -19.99
N SER D 139 47.34 21.12 -20.36
CA SER D 139 45.88 20.98 -20.54
C SER D 139 45.43 20.96 -22.01
N THR D 140 46.33 20.54 -22.89
CA THR D 140 46.12 20.56 -24.35
C THR D 140 46.19 19.15 -24.97
N SER D 141 45.24 18.83 -25.84
CA SER D 141 45.18 17.53 -26.55
C SER D 141 45.48 17.66 -28.06
N GLY D 142 46.40 18.55 -28.41
CA GLY D 142 46.83 18.73 -29.82
C GLY D 142 46.29 19.94 -30.58
N GLY D 143 45.34 20.58 -29.92
CA GLY D 143 44.62 21.73 -30.45
C GLY D 143 43.54 21.98 -29.43
N THR D 144 42.97 20.89 -28.91
CA THR D 144 41.99 21.09 -27.85
C THR D 144 42.73 21.48 -26.58
N ALA D 145 42.32 22.63 -26.05
CA ALA D 145 42.70 23.10 -24.72
C ALA D 145 41.42 23.39 -23.95
N ALA D 146 41.26 22.75 -22.80
CA ALA D 146 40.13 22.99 -21.91
C ALA D 146 40.39 24.19 -21.01
N LEU D 147 39.63 25.27 -21.21
CA LEU D 147 39.66 26.41 -20.30
C LEU D 147 38.33 26.58 -19.55
N GLY D 148 38.33 27.36 -18.46
CA GLY D 148 37.19 27.37 -17.52
C GLY D 148 37.05 28.57 -16.59
N CYS D 149 35.98 28.57 -15.79
CA CYS D 149 35.78 29.52 -14.67
C CYS D 149 35.19 28.71 -13.54
N LEU D 150 35.74 28.92 -12.34
CA LEU D 150 35.23 28.34 -11.10
C LEU D 150 34.29 29.40 -10.54
N VAL D 151 33.05 29.01 -10.25
CA VAL D 151 32.07 29.96 -9.69
C VAL D 151 31.97 29.48 -8.22
N LYS D 152 32.60 30.23 -7.32
CA LYS D 152 32.77 29.75 -5.93
C LYS D 152 31.93 30.43 -4.87
N ASP D 153 31.17 29.65 -4.09
CA ASP D 153 30.64 30.14 -2.79
C ASP D 153 29.51 31.14 -2.95
N TYR D 154 28.39 30.69 -3.49
CA TYR D 154 27.29 31.57 -3.60
C TYR D 154 26.11 30.90 -2.94
N PHE D 155 25.10 31.67 -2.64
CA PHE D 155 23.89 31.12 -2.10
C PHE D 155 22.88 32.17 -2.35
N PRO D 156 21.62 31.79 -2.70
CA PRO D 156 21.18 30.43 -3.07
C PRO D 156 21.39 30.25 -4.55
N GLU D 157 20.87 29.15 -5.08
CA GLU D 157 20.77 28.88 -6.51
C GLU D 157 19.69 29.74 -7.14
N PRO D 158 19.77 29.95 -8.48
CA PRO D 158 20.84 29.45 -9.33
C PRO D 158 21.89 30.49 -9.65
N VAL D 159 22.95 30.04 -10.29
CA VAL D 159 23.84 30.92 -11.09
C VAL D 159 23.58 30.68 -12.62
N THR D 160 23.84 31.67 -13.49
CA THR D 160 23.86 31.42 -14.93
C THR D 160 25.29 31.68 -15.43
N VAL D 161 25.75 30.81 -16.31
CA VAL D 161 27.06 30.98 -16.91
C VAL D 161 26.94 31.04 -18.39
N SER D 162 27.51 32.07 -18.98
CA SER D 162 27.56 32.31 -20.43
C SER D 162 29.05 32.41 -20.87
N TRP D 163 29.34 32.09 -22.14
CA TRP D 163 30.69 32.35 -22.69
C TRP D 163 30.58 33.34 -23.84
N ASN D 164 31.38 34.40 -23.79
CA ASN D 164 31.31 35.54 -24.75
C ASN D 164 29.91 36.07 -24.97
N SER D 165 29.26 36.39 -23.86
CA SER D 165 27.94 36.95 -23.86
C SER D 165 26.90 36.10 -24.58
N GLY D 166 27.15 34.80 -24.66
CA GLY D 166 26.18 33.91 -25.23
C GLY D 166 26.55 33.44 -26.60
N ALA D 167 27.57 34.01 -27.21
CA ALA D 167 27.87 33.65 -28.61
C ALA D 167 28.60 32.35 -28.70
N LEU D 168 29.39 32.01 -27.68
CA LEU D 168 30.14 30.77 -27.66
C LEU D 168 29.33 29.70 -26.93
N THR D 169 28.94 28.64 -27.63
CA THR D 169 28.15 27.56 -27.00
C THR D 169 28.66 26.17 -27.39
N SER D 170 29.47 26.06 -28.43
CA SER D 170 29.87 24.70 -28.76
C SER D 170 31.07 24.35 -27.90
N GLY D 171 31.12 23.11 -27.43
CA GLY D 171 32.22 22.69 -26.57
C GLY D 171 32.17 23.24 -25.14
N VAL D 172 31.02 23.83 -24.80
CA VAL D 172 30.85 24.42 -23.48
C VAL D 172 30.27 23.38 -22.55
N HIS D 173 30.94 23.16 -21.42
CA HIS D 173 30.42 22.24 -20.41
C HIS D 173 30.43 22.88 -18.98
N THR D 174 29.23 23.04 -18.44
CA THR D 174 28.98 23.71 -17.20
C THR D 174 28.47 22.62 -16.26
N PHE D 175 29.30 22.30 -15.28
CA PHE D 175 29.07 21.22 -14.35
C PHE D 175 28.12 21.64 -13.24
N PRO D 176 27.28 20.71 -12.74
CA PRO D 176 26.32 20.98 -11.66
C PRO D 176 27.00 21.47 -10.37
N ALA D 177 26.17 22.04 -9.49
CA ALA D 177 26.63 22.70 -8.28
C ALA D 177 26.66 21.82 -7.01
N VAL D 178 27.88 21.58 -6.53
CA VAL D 178 28.20 21.12 -5.17
C VAL D 178 27.61 22.05 -4.07
N LEU D 179 26.93 21.50 -3.06
CA LEU D 179 26.49 22.29 -1.89
C LEU D 179 27.38 21.96 -0.71
N GLN D 180 28.46 22.74 -0.54
CA GLN D 180 29.59 22.44 0.37
C GLN D 180 29.24 22.50 1.88
N SER D 181 30.25 22.33 2.75
CA SER D 181 30.05 22.17 4.21
C SER D 181 29.40 23.41 4.78
N SER D 182 29.91 24.54 4.29
CA SER D 182 29.58 25.89 4.73
C SER D 182 28.17 26.26 4.39
N GLY D 183 27.49 25.41 3.63
CA GLY D 183 26.16 25.74 3.12
C GLY D 183 26.15 26.67 1.89
N LEU D 184 27.32 26.88 1.31
CA LEU D 184 27.46 27.70 0.09
C LEU D 184 27.55 26.77 -1.12
N TYR D 185 27.13 27.25 -2.29
CA TYR D 185 27.33 26.43 -3.48
C TYR D 185 28.55 26.78 -4.26
N SER D 186 28.94 25.89 -5.16
CA SER D 186 30.07 26.17 -6.03
C SER D 186 29.88 25.42 -7.33
N LEU D 187 30.45 25.93 -8.43
CA LEU D 187 30.37 25.23 -9.72
C LEU D 187 31.49 25.66 -10.62
N SER D 188 31.70 24.90 -11.70
CA SER D 188 32.64 25.35 -12.71
C SER D 188 32.03 25.12 -14.12
N SER D 189 32.58 25.82 -15.12
CA SER D 189 32.14 25.71 -16.50
C SER D 189 33.40 25.66 -17.29
N VAL D 190 33.50 24.73 -18.23
CA VAL D 190 34.70 24.74 -19.09
C VAL D 190 34.30 24.76 -20.56
N VAL D 191 35.10 25.45 -21.35
CA VAL D 191 34.94 25.41 -22.80
C VAL D 191 36.20 24.73 -23.45
N THR D 192 35.98 23.62 -24.16
CA THR D 192 37.06 22.97 -24.93
C THR D 192 37.12 23.60 -26.32
N VAL D 193 38.29 24.08 -26.67
CA VAL D 193 38.47 24.90 -27.84
C VAL D 193 39.73 24.44 -28.59
N PRO D 194 39.92 24.93 -29.84
CA PRO D 194 41.23 24.71 -30.49
C PRO D 194 42.33 25.74 -30.09
N SER D 195 43.39 25.22 -29.45
CA SER D 195 44.62 25.97 -29.11
C SER D 195 45.08 26.97 -30.18
N SER D 196 44.98 26.58 -31.45
CA SER D 196 45.18 27.50 -32.56
C SER D 196 44.43 28.86 -32.38
N SER D 197 43.43 28.87 -31.49
CA SER D 197 42.52 30.01 -31.30
C SER D 197 43.03 30.96 -30.23
N LEU D 198 43.63 30.35 -29.19
CA LEU D 198 44.23 31.04 -28.03
C LEU D 198 45.17 32.15 -28.48
N GLY D 199 44.92 33.34 -27.99
CA GLY D 199 45.82 34.45 -28.31
C GLY D 199 45.53 35.14 -29.62
N THR D 200 44.46 34.71 -30.29
CA THR D 200 43.76 35.61 -31.23
C THR D 200 42.37 35.92 -30.68
N GLN D 201 41.73 34.89 -30.16
CA GLN D 201 40.38 35.02 -29.60
C GLN D 201 40.40 35.06 -28.07
N THR D 202 39.59 35.98 -27.55
CA THR D 202 39.33 36.11 -26.11
C THR D 202 38.16 35.25 -25.65
N TYR D 203 38.35 34.62 -24.49
CA TYR D 203 37.32 33.83 -23.87
C TYR D 203 36.90 34.45 -22.55
N ILE D 204 35.66 34.99 -22.51
CA ILE D 204 35.09 35.63 -21.29
C ILE D 204 33.94 34.78 -20.78
N CYS D 205 33.98 34.43 -19.48
CA CYS D 205 32.80 33.81 -18.85
C CYS D 205 31.94 34.87 -18.18
N ASN D 206 30.65 34.84 -18.45
CA ASN D 206 29.70 35.85 -17.88
C ASN D 206 28.89 35.11 -16.82
N VAL D 207 29.09 35.47 -15.57
CA VAL D 207 28.48 34.71 -14.50
C VAL D 207 27.51 35.66 -13.80
N ASN D 208 26.25 35.28 -13.66
CA ASN D 208 25.25 36.15 -13.04
C ASN D 208 24.62 35.40 -11.88
N HIS D 209 24.36 36.12 -10.81
CA HIS D 209 23.68 35.54 -9.66
C HIS D 209 22.61 36.56 -9.29
N LYS D 210 21.39 36.33 -9.75
CA LYS D 210 20.32 37.30 -9.54
C LYS D 210 20.06 37.53 -8.07
N PRO D 211 20.04 36.46 -7.25
CA PRO D 211 19.79 36.74 -5.79
C PRO D 211 20.60 37.82 -5.19
N SER D 212 21.90 37.88 -5.54
CA SER D 212 22.79 38.78 -4.82
C SER D 212 22.94 40.00 -5.72
N ASN D 213 22.21 40.00 -6.81
CA ASN D 213 22.45 40.96 -7.90
C ASN D 213 23.86 41.13 -8.43
N THR D 214 24.52 39.99 -8.57
CA THR D 214 25.90 39.94 -8.96
C THR D 214 25.98 39.66 -10.48
N LYS D 215 26.81 40.42 -11.18
CA LYS D 215 27.03 40.17 -12.59
C LYS D 215 28.51 40.32 -12.82
N VAL D 216 29.19 39.25 -13.25
CA VAL D 216 30.67 39.26 -13.38
C VAL D 216 31.04 38.81 -14.79
N ASP D 217 31.95 39.52 -15.43
CA ASP D 217 32.57 39.08 -16.70
C ASP D 217 34.06 38.82 -16.43
N LYS D 218 34.49 37.58 -16.62
CA LYS D 218 35.85 37.16 -16.26
C LYS D 218 36.61 36.67 -17.53
N LYS D 219 37.57 37.46 -17.99
CA LYS D 219 38.47 37.00 -19.09
C LYS D 219 39.43 35.88 -18.68
N VAL D 220 39.37 34.75 -19.38
CA VAL D 220 40.25 33.63 -19.11
C VAL D 220 41.35 33.62 -20.17
N GLU D 221 42.59 33.77 -19.70
CA GLU D 221 43.79 33.73 -20.52
C GLU D 221 44.66 32.51 -20.17
N PRO D 222 45.51 32.05 -21.11
CA PRO D 222 46.37 30.92 -20.76
C PRO D 222 47.74 31.36 -20.24
#